data_7Y5F
#
_entry.id   7Y5F
#
_cell.length_a   93.344
_cell.length_b   127.514
_cell.length_c   139.034
_cell.angle_alpha   90.000
_cell.angle_beta   90.000
_cell.angle_gamma   90.000
#
_symmetry.space_group_name_H-M   'I 2 2 2'
#
loop_
_entity.id
_entity.type
_entity.pdbx_description
1 polymer CmnC
2 non-polymer 'FE (III) ION'
3 non-polymer L-HOMOARGININE
4 non-polymer 'L(+)-TARTARIC ACID'
5 water water
#
_entity_poly.entity_id   1
_entity_poly.type   'polypeptide(L)'
_entity_poly.pdbx_seq_one_letter_code
;MGSSHHHHHHSSGLVPRGSHMTAIREIRLSEPESAQAALLALECAQRYAEPDSADFLADAAVLAHDLPRAVRREVERARL
DDRLHALVVRGNDVDQDALGPTPPHWRQARTAASRRYGFLLVLYASLLGDVVGWATQQDGRVVTDVLPIEGQEDSLVSSS
SSVELGWHTEDAFSPYRADYVGLFSLRNPDSVATTVAGLDPDLVGPAVVDVLFGERFHIRPDNSHLPTHNSGGRLSDYFA
GIVEAVENPRAVSILRGHRDAPQLCVDSDFTTAVDGDAEAAGALDTLIKHLGGALYEVVLGPGDVAFLDNRNVVHGRRPF
RARFDGTDRWLKRINVTADLRKSRAARRDAQARVLGEA
;
_entity_poly.pdbx_strand_id   A,B
#
# COMPACT_ATOMS: atom_id res chain seq x y z
N HIS A 20 18.24 2.35 -16.82
CA HIS A 20 17.88 0.94 -16.49
C HIS A 20 17.21 0.28 -17.71
N MET A 21 17.79 -0.83 -18.18
CA MET A 21 17.37 -1.52 -19.43
C MET A 21 15.91 -2.02 -19.33
N THR A 22 15.40 -2.27 -18.11
CA THR A 22 14.02 -2.75 -17.85
C THR A 22 13.14 -1.63 -17.28
N ALA A 23 13.49 -0.35 -17.48
CA ALA A 23 12.62 0.77 -17.05
C ALA A 23 11.27 0.65 -17.76
N ILE A 24 11.25 0.20 -19.01
CA ILE A 24 10.00 -0.21 -19.70
C ILE A 24 9.93 -1.73 -19.68
N ARG A 25 8.98 -2.29 -18.93
CA ARG A 25 8.78 -3.75 -18.84
C ARG A 25 7.60 -4.10 -19.74
N GLU A 26 7.81 -4.92 -20.77
CA GLU A 26 6.72 -5.28 -21.69
C GLU A 26 6.39 -6.77 -21.59
N ILE A 27 5.10 -7.06 -21.58
CA ILE A 27 4.50 -8.41 -21.72
C ILE A 27 3.68 -8.35 -23.01
N ARG A 28 4.00 -9.15 -24.04
CA ARG A 28 3.07 -9.31 -25.17
C ARG A 28 2.24 -10.56 -24.91
N LEU A 29 0.93 -10.41 -24.77
CA LEU A 29 0.04 -11.56 -24.49
C LEU A 29 0.05 -12.52 -25.68
N SER A 30 0.10 -13.81 -25.40
CA SER A 30 -0.25 -14.88 -26.36
C SER A 30 -1.76 -14.79 -26.65
N GLU A 31 -2.22 -15.42 -27.73
CA GLU A 31 -3.67 -15.46 -28.06
C GLU A 31 -4.43 -16.06 -26.87
N PRO A 32 -4.02 -17.22 -26.29
CA PRO A 32 -4.73 -17.75 -25.12
C PRO A 32 -4.77 -16.79 -23.92
N GLU A 33 -3.66 -16.10 -23.64
CA GLU A 33 -3.59 -15.16 -22.49
C GLU A 33 -4.57 -14.01 -22.76
N SER A 34 -4.56 -13.44 -23.97
CA SER A 34 -5.50 -12.36 -24.37
C SER A 34 -6.94 -12.83 -24.16
N ALA A 35 -7.25 -14.03 -24.64
CA ALA A 35 -8.61 -14.62 -24.56
C ALA A 35 -8.99 -14.89 -23.10
N GLN A 36 -8.06 -15.38 -22.28
CA GLN A 36 -8.31 -15.66 -20.85
C GLN A 36 -8.66 -14.33 -20.16
N ALA A 37 -7.90 -13.27 -20.41
CA ALA A 37 -8.16 -11.96 -19.77
C ALA A 37 -9.50 -11.40 -20.23
N ALA A 38 -9.82 -11.52 -21.53
CA ALA A 38 -11.12 -11.06 -22.08
C ALA A 38 -12.28 -11.81 -21.43
N LEU A 39 -12.18 -13.14 -21.31
CA LEU A 39 -13.24 -13.99 -20.71
C LEU A 39 -13.51 -13.53 -19.29
N LEU A 40 -12.45 -13.25 -18.53
CA LEU A 40 -12.58 -12.83 -17.12
C LEU A 40 -13.26 -11.46 -17.05
N ALA A 41 -12.85 -10.52 -17.90
CA ALA A 41 -13.45 -9.16 -17.96
C ALA A 41 -14.93 -9.29 -18.34
N LEU A 42 -15.24 -10.17 -19.30
CA LEU A 42 -16.64 -10.34 -19.74
C LEU A 42 -17.45 -10.99 -18.62
N GLU A 43 -16.88 -11.91 -17.85
CA GLU A 43 -17.57 -12.49 -16.66
C GLU A 43 -17.88 -11.37 -15.66
N CYS A 44 -16.96 -10.44 -15.45
CA CYS A 44 -17.20 -9.30 -14.54
C CYS A 44 -18.33 -8.42 -15.10
N ALA A 45 -18.34 -8.17 -16.40
CA ALA A 45 -19.39 -7.32 -17.04
C ALA A 45 -20.74 -8.05 -16.94
N GLN A 46 -20.74 -9.39 -16.97
CA GLN A 46 -22.00 -10.18 -16.83
C GLN A 46 -22.55 -9.97 -15.42
N ARG A 47 -21.68 -9.91 -14.40
CA ARG A 47 -22.09 -9.91 -12.97
C ARG A 47 -22.46 -8.50 -12.48
N TYR A 48 -21.62 -7.49 -12.75
CA TYR A 48 -21.68 -6.18 -12.07
C TYR A 48 -22.11 -5.10 -13.08
N ALA A 49 -22.65 -3.97 -12.59
CA ALA A 49 -23.16 -2.87 -13.45
C ALA A 49 -22.00 -2.08 -14.04
N GLU A 50 -21.23 -1.43 -13.18
CA GLU A 50 -20.16 -0.48 -13.60
C GLU A 50 -18.80 -1.10 -13.29
N PRO A 51 -17.77 -0.81 -14.11
CA PRO A 51 -16.42 -1.23 -13.79
C PRO A 51 -15.84 -0.62 -12.50
N ASP A 52 -16.53 0.32 -11.87
CA ASP A 52 -16.15 0.80 -10.52
C ASP A 52 -17.34 0.70 -9.55
N SER A 53 -18.28 -0.22 -9.82
CA SER A 53 -19.32 -0.59 -8.83
C SER A 53 -18.62 -1.04 -7.54
N ALA A 54 -19.15 -0.63 -6.39
CA ALA A 54 -18.55 -0.94 -5.07
C ALA A 54 -18.37 -2.45 -4.90
N ASP A 55 -19.36 -3.25 -5.27
CA ASP A 55 -19.32 -4.73 -5.08
C ASP A 55 -18.16 -5.30 -5.91
N PHE A 56 -18.00 -4.83 -7.14
CA PHE A 56 -16.89 -5.28 -8.01
C PHE A 56 -15.57 -4.89 -7.35
N LEU A 57 -15.44 -3.65 -6.89
CA LEU A 57 -14.14 -3.21 -6.34
C LEU A 57 -13.77 -3.98 -5.08
N ALA A 58 -14.75 -4.37 -4.26
CA ALA A 58 -14.47 -5.19 -3.05
C ALA A 58 -13.89 -6.54 -3.49
N ASP A 59 -14.37 -7.04 -4.63
CA ASP A 59 -14.10 -8.39 -5.21
C ASP A 59 -12.83 -8.32 -6.11
N ALA A 60 -12.35 -7.13 -6.44
CA ALA A 60 -11.44 -6.94 -7.60
C ALA A 60 -10.06 -7.58 -7.36
N ALA A 61 -9.50 -7.41 -6.17
CA ALA A 61 -8.16 -7.94 -5.83
C ALA A 61 -8.16 -9.45 -6.08
N VAL A 62 -9.19 -10.17 -5.64
CA VAL A 62 -9.21 -11.65 -5.74
C VAL A 62 -9.52 -12.04 -7.19
N LEU A 63 -10.45 -11.36 -7.85
CA LEU A 63 -10.74 -11.68 -9.28
C LEU A 63 -9.48 -11.45 -10.13
N ALA A 64 -8.67 -10.45 -9.81
CA ALA A 64 -7.40 -10.15 -10.55
C ALA A 64 -6.48 -11.38 -10.52
N HIS A 65 -6.56 -12.21 -9.47
CA HIS A 65 -5.72 -13.42 -9.26
C HIS A 65 -6.04 -14.46 -10.33
N ASP A 66 -7.15 -14.31 -11.07
CA ASP A 66 -7.59 -15.25 -12.14
C ASP A 66 -7.02 -14.83 -13.49
N LEU A 67 -6.29 -13.73 -13.56
CA LEU A 67 -5.56 -13.35 -14.80
C LEU A 67 -4.49 -14.40 -15.05
N PRO A 68 -4.00 -14.54 -16.30
CA PRO A 68 -2.98 -15.56 -16.60
C PRO A 68 -1.75 -15.44 -15.70
N ARG A 69 -1.26 -16.58 -15.23
CA ARG A 69 -0.16 -16.67 -14.24
C ARG A 69 1.10 -15.99 -14.78
N ALA A 70 1.47 -16.27 -16.03
CA ALA A 70 2.68 -15.68 -16.64
C ALA A 70 2.58 -14.16 -16.62
N VAL A 71 1.39 -13.60 -16.82
CA VAL A 71 1.14 -12.14 -16.78
C VAL A 71 1.25 -11.62 -15.33
N ARG A 72 0.61 -12.29 -14.38
CA ARG A 72 0.69 -11.89 -12.95
C ARG A 72 2.16 -11.88 -12.50
N ARG A 73 2.99 -12.80 -12.98
CA ARG A 73 4.42 -12.85 -12.58
C ARG A 73 5.12 -11.59 -13.06
N GLU A 74 4.91 -11.20 -14.32
CA GLU A 74 5.58 -10.00 -14.87
C GLU A 74 5.03 -8.74 -14.20
N VAL A 75 3.74 -8.70 -13.87
CA VAL A 75 3.18 -7.48 -13.21
C VAL A 75 3.84 -7.35 -11.84
N GLU A 76 4.03 -8.47 -11.13
CA GLU A 76 4.63 -8.48 -9.77
C GLU A 76 6.09 -8.01 -9.85
N ARG A 77 6.85 -8.43 -10.86
CA ARG A 77 8.25 -7.96 -11.05
C ARG A 77 8.22 -6.44 -11.23
N ALA A 78 7.29 -5.92 -12.03
CA ALA A 78 7.19 -4.46 -12.23
C ALA A 78 6.85 -3.77 -10.91
N ARG A 79 5.95 -4.35 -10.12
CA ARG A 79 5.41 -3.69 -8.91
C ARG A 79 6.55 -3.41 -7.92
N LEU A 80 7.55 -4.29 -7.86
CA LEU A 80 8.63 -4.23 -6.85
C LEU A 80 9.88 -3.62 -7.49
N ASP A 81 9.81 -3.21 -8.73
CA ASP A 81 10.96 -2.54 -9.41
C ASP A 81 10.88 -1.04 -9.12
N ASP A 82 11.70 -0.53 -8.21
CA ASP A 82 11.60 0.88 -7.79
C ASP A 82 12.28 1.79 -8.81
N ARG A 83 12.76 1.25 -9.92
CA ARG A 83 13.26 2.11 -11.04
C ARG A 83 12.34 1.96 -12.26
N LEU A 84 11.17 1.34 -12.09
CA LEU A 84 10.20 1.18 -13.20
C LEU A 84 9.81 2.55 -13.75
N HIS A 85 9.73 2.68 -15.08
CA HIS A 85 9.05 3.83 -15.72
C HIS A 85 7.63 3.38 -16.08
N ALA A 86 7.49 2.27 -16.82
CA ALA A 86 6.16 1.75 -17.17
C ALA A 86 6.22 0.26 -17.42
N LEU A 87 5.16 -0.41 -17.00
CA LEU A 87 4.80 -1.78 -17.43
C LEU A 87 3.84 -1.63 -18.59
N VAL A 88 4.06 -2.33 -19.70
CA VAL A 88 3.14 -2.31 -20.85
C VAL A 88 2.73 -3.74 -21.15
N VAL A 89 1.42 -3.98 -21.11
CA VAL A 89 0.83 -5.30 -21.45
C VAL A 89 0.21 -5.13 -22.83
N ARG A 90 0.81 -5.75 -23.84
CA ARG A 90 0.38 -5.55 -25.25
C ARG A 90 -0.56 -6.68 -25.66
N GLY A 91 -1.53 -6.40 -26.53
CA GLY A 91 -2.26 -7.45 -27.27
C GLY A 91 -3.52 -7.92 -26.58
N ASN A 92 -4.14 -7.11 -25.71
CA ASN A 92 -5.51 -7.44 -25.24
C ASN A 92 -6.51 -7.35 -26.40
N ASP A 93 -7.54 -8.18 -26.34
CA ASP A 93 -8.63 -8.22 -27.34
C ASP A 93 -9.42 -6.90 -27.25
N VAL A 94 -9.54 -6.16 -28.36
CA VAL A 94 -10.50 -5.02 -28.46
C VAL A 94 -11.26 -5.17 -29.78
N ASP A 95 -12.57 -5.34 -29.69
CA ASP A 95 -13.48 -5.53 -30.85
C ASP A 95 -13.91 -4.12 -31.29
N GLN A 96 -13.23 -3.55 -32.29
CA GLN A 96 -13.43 -2.15 -32.76
C GLN A 96 -14.87 -1.94 -33.24
N ASP A 97 -15.43 -2.90 -33.99
CA ASP A 97 -16.81 -2.82 -34.55
C ASP A 97 -17.81 -2.80 -33.39
N ALA A 98 -17.68 -3.76 -32.45
CA ALA A 98 -18.56 -3.85 -31.27
C ALA A 98 -18.40 -2.57 -30.42
N LEU A 99 -17.20 -2.00 -30.38
CA LEU A 99 -16.95 -0.84 -29.47
C LEU A 99 -17.74 0.38 -29.93
N GLY A 100 -17.89 0.58 -31.24
CA GLY A 100 -18.63 1.73 -31.76
C GLY A 100 -17.80 3.00 -31.75
N PRO A 101 -18.42 4.18 -31.98
CA PRO A 101 -17.66 5.42 -32.17
C PRO A 101 -17.05 5.96 -30.88
N THR A 102 -15.92 6.66 -31.01
CA THR A 102 -15.31 7.41 -29.88
C THR A 102 -16.28 8.49 -29.43
N PRO A 103 -16.75 8.47 -28.17
CA PRO A 103 -17.64 9.51 -27.69
C PRO A 103 -17.01 10.89 -27.80
N PRO A 104 -17.84 11.94 -27.97
CA PRO A 104 -17.32 13.30 -28.12
C PRO A 104 -16.92 14.02 -26.81
N HIS A 105 -17.16 13.37 -25.67
CA HIS A 105 -16.92 13.94 -24.34
C HIS A 105 -16.82 12.78 -23.35
N TRP A 106 -15.96 12.91 -22.33
CA TRP A 106 -15.83 11.85 -21.29
C TRP A 106 -17.19 11.64 -20.60
N ARG A 107 -18.02 12.68 -20.51
CA ARG A 107 -19.34 12.57 -19.85
C ARG A 107 -20.18 11.48 -20.56
N GLN A 108 -19.99 11.30 -21.87
CA GLN A 108 -20.75 10.33 -22.69
C GLN A 108 -19.97 9.03 -22.87
N ALA A 109 -18.83 8.84 -22.20
CA ALA A 109 -17.89 7.76 -22.52
C ALA A 109 -18.11 6.50 -21.64
N ARG A 110 -19.07 6.51 -20.72
CA ARG A 110 -19.49 5.31 -19.96
C ARG A 110 -20.45 4.48 -20.80
N THR A 111 -20.01 4.00 -21.96
CA THR A 111 -20.85 3.30 -22.96
C THR A 111 -20.97 1.84 -22.56
N ALA A 112 -22.11 1.22 -22.87
CA ALA A 112 -22.33 -0.25 -22.73
C ALA A 112 -21.14 -1.01 -23.33
N ALA A 113 -20.77 -0.72 -24.58
CA ALA A 113 -19.80 -1.54 -25.33
C ALA A 113 -18.39 -1.40 -24.74
N SER A 114 -18.09 -0.32 -24.03
CA SER A 114 -16.73 -0.08 -23.45
C SER A 114 -16.63 -0.62 -22.02
N ARG A 115 -17.70 -1.08 -21.39
CA ARG A 115 -17.67 -1.59 -19.99
C ARG A 115 -16.56 -2.63 -19.84
N ARG A 116 -16.52 -3.63 -20.73
CA ARG A 116 -15.59 -4.79 -20.62
C ARG A 116 -14.14 -4.29 -20.48
N TYR A 117 -13.79 -3.18 -21.13
CA TYR A 117 -12.40 -2.64 -21.07
C TYR A 117 -12.16 -1.94 -19.74
N GLY A 118 -13.16 -1.24 -19.20
CA GLY A 118 -13.08 -0.70 -17.83
C GLY A 118 -12.88 -1.82 -16.81
N PHE A 119 -13.65 -2.91 -16.91
CA PHE A 119 -13.48 -4.04 -15.97
C PHE A 119 -12.05 -4.61 -16.10
N LEU A 120 -11.57 -4.79 -17.32
CA LEU A 120 -10.24 -5.41 -17.52
C LEU A 120 -9.17 -4.47 -16.97
N LEU A 121 -9.30 -3.15 -17.15
CA LEU A 121 -8.30 -2.19 -16.62
C LEU A 121 -8.24 -2.32 -15.09
N VAL A 122 -9.40 -2.40 -14.44
CA VAL A 122 -9.44 -2.52 -12.97
C VAL A 122 -8.81 -3.84 -12.54
N LEU A 123 -9.04 -4.94 -13.26
CA LEU A 123 -8.43 -6.26 -12.91
C LEU A 123 -6.91 -6.16 -12.98
N TYR A 124 -6.34 -5.66 -14.07
CA TYR A 124 -4.87 -5.46 -14.15
C TYR A 124 -4.41 -4.56 -13.02
N ALA A 125 -5.08 -3.42 -12.82
CA ALA A 125 -4.69 -2.39 -11.83
C ALA A 125 -4.66 -2.98 -10.42
N SER A 126 -5.54 -3.93 -10.13
CA SER A 126 -5.72 -4.46 -8.77
C SER A 126 -4.59 -5.44 -8.42
N LEU A 127 -3.76 -5.81 -9.40
CA LEU A 127 -2.50 -6.53 -9.11
C LEU A 127 -1.45 -5.58 -8.52
N LEU A 128 -1.58 -4.27 -8.73
CA LEU A 128 -0.52 -3.29 -8.36
C LEU A 128 -0.89 -2.55 -7.09
N GLY A 129 -2.16 -2.55 -6.73
CA GLY A 129 -2.62 -1.74 -5.60
C GLY A 129 -4.13 -1.63 -5.66
N ASP A 130 -4.67 -0.59 -5.03
CA ASP A 130 -6.13 -0.35 -4.95
C ASP A 130 -6.47 0.84 -5.81
N VAL A 131 -7.57 0.75 -6.54
CA VAL A 131 -7.97 1.85 -7.45
C VAL A 131 -8.66 2.97 -6.66
N VAL A 132 -8.40 4.20 -7.07
CA VAL A 132 -8.97 5.42 -6.48
C VAL A 132 -9.34 6.39 -7.60
N GLY A 133 -10.28 7.29 -7.28
CA GLY A 133 -10.63 8.44 -8.12
C GLY A 133 -10.63 9.71 -7.29
N TRP A 134 -11.09 10.79 -7.90
CA TRP A 134 -11.04 12.14 -7.29
C TRP A 134 -12.44 12.74 -7.37
N ALA A 135 -12.93 13.34 -6.30
CA ALA A 135 -14.27 13.95 -6.26
C ALA A 135 -14.33 15.07 -7.30
N THR A 136 -13.18 15.61 -7.68
CA THR A 136 -13.03 16.86 -8.46
C THR A 136 -12.56 16.55 -9.88
N GLN A 137 -12.54 15.27 -10.29
CA GLN A 137 -12.15 14.88 -11.67
C GLN A 137 -13.20 13.94 -12.25
N GLN A 138 -13.67 14.24 -13.47
CA GLN A 138 -14.65 13.41 -14.21
C GLN A 138 -15.73 12.89 -13.25
N ASP A 139 -16.28 13.80 -12.46
CA ASP A 139 -17.51 13.56 -11.66
C ASP A 139 -17.25 12.43 -10.64
N GLY A 140 -16.01 12.25 -10.21
CA GLY A 140 -15.64 11.25 -9.18
C GLY A 140 -15.66 9.83 -9.73
N ARG A 141 -15.59 9.66 -11.03
CA ARG A 141 -15.43 8.33 -11.63
C ARG A 141 -14.04 7.77 -11.26
N VAL A 142 -14.00 6.47 -11.00
CA VAL A 142 -12.70 5.77 -10.79
C VAL A 142 -12.12 5.35 -12.15
N VAL A 143 -12.91 4.75 -13.01
CA VAL A 143 -12.49 4.51 -14.42
C VAL A 143 -12.79 5.78 -15.21
N THR A 144 -11.76 6.45 -15.70
CA THR A 144 -11.89 7.73 -16.42
C THR A 144 -11.58 7.50 -17.90
N ASP A 145 -11.81 8.54 -18.69
CA ASP A 145 -11.66 8.48 -20.16
C ASP A 145 -10.72 9.58 -20.62
N VAL A 146 -9.87 9.22 -21.58
CA VAL A 146 -8.96 10.16 -22.27
C VAL A 146 -9.30 10.10 -23.75
N LEU A 147 -9.90 11.17 -24.24
CA LEU A 147 -10.32 11.30 -25.66
C LEU A 147 -10.36 12.77 -25.97
N PRO A 148 -10.13 13.18 -27.24
CA PRO A 148 -10.09 14.60 -27.57
C PRO A 148 -11.50 15.21 -27.58
N ILE A 149 -11.61 16.41 -27.06
CA ILE A 149 -12.91 17.13 -27.00
C ILE A 149 -12.78 18.40 -27.86
N GLU A 150 -13.78 18.59 -28.70
CA GLU A 150 -13.85 19.76 -29.61
C GLU A 150 -13.99 21.00 -28.72
N GLY A 151 -13.09 21.98 -28.90
CA GLY A 151 -13.02 23.20 -28.08
C GLY A 151 -11.94 23.12 -27.01
N GLN A 152 -11.40 21.93 -26.73
CA GLN A 152 -10.33 21.71 -25.71
C GLN A 152 -8.99 21.44 -26.39
N GLU A 153 -8.88 21.68 -27.70
CA GLU A 153 -7.67 21.33 -28.48
C GLU A 153 -6.42 21.94 -27.83
N ASP A 154 -6.53 23.18 -27.34
CA ASP A 154 -5.39 23.99 -26.85
C ASP A 154 -5.40 24.06 -25.32
N SER A 155 -6.22 23.22 -24.67
CA SER A 155 -6.34 23.17 -23.18
C SER A 155 -5.08 22.50 -22.60
N LEU A 156 -4.96 22.54 -21.27
CA LEU A 156 -3.86 21.86 -20.53
C LEU A 156 -4.37 20.55 -19.93
N VAL A 157 -5.52 20.05 -20.39
CA VAL A 157 -6.13 18.81 -19.83
C VAL A 157 -6.01 17.69 -20.88
N SER A 158 -6.30 16.46 -20.48
CA SER A 158 -5.99 15.25 -21.27
C SER A 158 -6.95 15.09 -22.46
N SER A 159 -7.99 15.91 -22.55
CA SER A 159 -8.87 15.98 -23.74
C SER A 159 -8.31 16.95 -24.80
N SER A 160 -7.11 17.49 -24.61
CA SER A 160 -6.39 18.34 -25.61
C SER A 160 -5.95 17.48 -26.79
N SER A 161 -5.47 18.11 -27.85
CA SER A 161 -5.03 17.41 -29.07
C SER A 161 -3.95 18.26 -29.74
N SER A 162 -4.30 19.44 -30.27
CA SER A 162 -3.36 20.30 -31.03
C SER A 162 -2.17 20.69 -30.15
N VAL A 163 -2.39 20.98 -28.87
CA VAL A 163 -1.30 21.40 -27.94
C VAL A 163 -0.87 20.16 -27.16
N GLU A 164 0.43 19.86 -27.21
CA GLU A 164 1.06 18.75 -26.46
C GLU A 164 0.58 18.79 -25.01
N LEU A 165 0.22 17.64 -24.44
CA LEU A 165 -0.09 17.56 -23.00
C LEU A 165 1.25 17.66 -22.25
N GLY A 166 1.44 18.76 -21.54
CA GLY A 166 2.67 19.03 -20.77
C GLY A 166 2.98 17.91 -19.80
N TRP A 167 4.25 17.53 -19.68
CA TRP A 167 4.64 16.41 -18.80
C TRP A 167 4.29 16.76 -17.35
N HIS A 168 3.92 15.73 -16.60
CA HIS A 168 3.46 15.90 -15.21
C HIS A 168 3.53 14.58 -14.48
N THR A 169 3.74 14.68 -13.17
CA THR A 169 3.27 13.69 -12.17
C THR A 169 1.75 13.84 -12.04
N GLU A 170 1.00 12.74 -12.08
CA GLU A 170 -0.48 12.80 -11.95
C GLU A 170 -0.80 13.35 -10.56
N ASP A 171 -1.65 14.36 -10.50
CA ASP A 171 -2.14 14.95 -9.23
C ASP A 171 -0.93 15.32 -8.35
N ALA A 172 0.09 15.93 -8.94
CA ALA A 172 1.37 16.29 -8.29
C ALA A 172 1.13 17.09 -7.00
N PHE A 173 0.08 17.90 -6.98
CA PHE A 173 -0.24 18.79 -5.82
C PHE A 173 -0.60 17.99 -4.57
N SER A 174 -1.02 16.72 -4.68
CA SER A 174 -1.74 16.03 -3.59
C SER A 174 -0.83 15.02 -2.90
N PRO A 175 -0.85 14.90 -1.56
CA PRO A 175 -0.19 13.78 -0.90
C PRO A 175 -0.84 12.42 -1.22
N TYR A 176 -2.04 12.42 -1.82
CA TYR A 176 -2.78 11.18 -2.14
C TYR A 176 -2.66 10.86 -3.63
N ARG A 177 -1.75 11.53 -4.32
CA ARG A 177 -1.47 11.23 -5.75
C ARG A 177 -1.21 9.72 -5.90
N ALA A 178 -1.56 9.18 -7.06
CA ALA A 178 -1.40 7.74 -7.34
C ALA A 178 0.07 7.33 -7.31
N ASP A 179 0.27 6.06 -6.99
CA ASP A 179 1.55 5.35 -7.23
C ASP A 179 1.62 4.89 -8.69
N TYR A 180 0.50 4.49 -9.30
CA TYR A 180 0.48 4.12 -10.74
C TYR A 180 -0.66 4.82 -11.44
N VAL A 181 -0.40 5.21 -12.69
CA VAL A 181 -1.48 5.64 -13.63
C VAL A 181 -1.61 4.52 -14.66
N GLY A 182 -2.79 3.94 -14.75
CA GLY A 182 -3.11 2.89 -15.72
C GLY A 182 -3.80 3.49 -16.93
N LEU A 183 -3.35 3.12 -18.12
CA LEU A 183 -3.91 3.58 -19.42
C LEU A 183 -4.23 2.34 -20.26
N PHE A 184 -5.49 2.14 -20.62
CA PHE A 184 -5.93 1.06 -21.53
C PHE A 184 -6.31 1.71 -22.86
N SER A 185 -5.45 1.57 -23.87
CA SER A 185 -5.73 2.13 -25.21
C SER A 185 -6.82 1.31 -25.90
N LEU A 186 -7.95 1.93 -26.23
CA LEU A 186 -9.04 1.27 -26.98
C LEU A 186 -8.80 1.46 -28.46
N ARG A 187 -8.24 2.61 -28.81
CA ARG A 187 -7.98 2.95 -30.22
C ARG A 187 -7.02 4.13 -30.28
N ASN A 188 -6.18 4.11 -31.30
CA ASN A 188 -5.12 5.11 -31.49
C ASN A 188 -4.69 5.03 -32.95
N PRO A 189 -5.59 5.40 -33.89
CA PRO A 189 -5.35 5.08 -35.31
C PRO A 189 -4.10 5.78 -35.88
N ASP A 190 -3.73 6.95 -35.35
CA ASP A 190 -2.57 7.75 -35.82
C ASP A 190 -1.33 7.50 -34.94
N SER A 191 -1.35 6.49 -34.08
CA SER A 191 -0.17 6.07 -33.27
C SER A 191 0.38 7.27 -32.47
N VAL A 192 -0.50 8.01 -31.82
CA VAL A 192 -0.11 9.17 -30.97
C VAL A 192 0.65 8.63 -29.74
N ALA A 193 1.81 9.19 -29.46
CA ALA A 193 2.70 8.75 -28.37
C ALA A 193 2.32 9.40 -27.03
N THR A 194 2.34 8.57 -26.00
CA THR A 194 2.45 8.97 -24.58
C THR A 194 3.92 9.32 -24.36
N THR A 195 4.20 10.41 -23.67
CA THR A 195 5.59 10.82 -23.37
C THR A 195 5.91 10.43 -21.93
N VAL A 196 7.17 10.15 -21.67
CA VAL A 196 7.65 9.60 -20.36
C VAL A 196 9.03 10.18 -20.09
N ALA A 197 9.32 10.58 -18.86
CA ALA A 197 10.71 10.89 -18.45
C ALA A 197 10.90 10.60 -16.96
N GLY A 198 12.03 9.99 -16.64
CA GLY A 198 12.57 9.87 -15.28
C GLY A 198 13.64 10.91 -15.02
N LEU A 199 14.10 11.02 -13.77
CA LEU A 199 15.24 11.87 -13.38
C LEU A 199 16.47 10.99 -13.10
N ASP A 200 17.55 11.27 -13.81
CA ASP A 200 18.91 10.77 -13.48
C ASP A 200 19.55 11.80 -12.55
N PRO A 201 19.67 11.52 -11.23
CA PRO A 201 20.24 12.49 -10.30
C PRO A 201 21.65 12.92 -10.70
N ASP A 202 22.43 12.00 -11.27
CA ASP A 202 23.86 12.21 -11.64
C ASP A 202 23.97 13.28 -12.74
N LEU A 203 22.95 13.43 -13.57
CA LEU A 203 22.99 14.29 -14.79
C LEU A 203 22.45 15.70 -14.50
N VAL A 204 21.86 15.91 -13.32
CA VAL A 204 21.37 17.26 -12.90
C VAL A 204 22.37 17.86 -11.89
N GLY A 205 23.01 17.01 -11.08
CA GLY A 205 24.07 17.39 -10.12
C GLY A 205 23.64 17.17 -8.67
N PRO A 206 24.54 16.74 -7.76
CA PRO A 206 24.21 16.66 -6.34
C PRO A 206 23.69 18.01 -5.79
N ALA A 207 24.15 19.12 -6.38
CA ALA A 207 23.76 20.51 -6.02
C ALA A 207 22.26 20.72 -6.24
N VAL A 208 21.78 20.41 -7.45
CA VAL A 208 20.36 20.61 -7.86
C VAL A 208 19.49 19.59 -7.11
N VAL A 209 19.92 18.34 -6.96
CA VAL A 209 19.19 17.29 -6.19
C VAL A 209 18.92 17.82 -4.78
N ASP A 210 19.94 18.38 -4.12
CA ASP A 210 19.82 18.87 -2.72
C ASP A 210 18.72 19.92 -2.62
N VAL A 211 18.69 20.86 -3.56
CA VAL A 211 17.68 21.96 -3.64
C VAL A 211 16.29 21.33 -3.84
N LEU A 212 16.16 20.42 -4.82
CA LEU A 212 14.87 19.78 -5.20
C LEU A 212 14.33 18.93 -4.04
N PHE A 213 15.20 18.46 -3.14
CA PHE A 213 14.83 17.67 -1.94
C PHE A 213 14.27 18.59 -0.85
N GLY A 214 14.52 19.90 -0.95
CA GLY A 214 14.01 20.90 0.00
C GLY A 214 12.54 21.23 -0.27
N GLU A 215 11.82 21.60 0.78
CA GLU A 215 10.40 22.03 0.71
C GLU A 215 10.36 23.49 0.26
N ARG A 216 10.67 23.72 -1.01
CA ARG A 216 10.96 25.07 -1.56
C ARG A 216 10.15 25.32 -2.83
N PHE A 217 9.07 24.54 -3.05
CA PHE A 217 8.27 24.59 -4.30
C PHE A 217 6.78 24.64 -4.00
N HIS A 218 6.03 25.20 -4.94
CA HIS A 218 4.56 25.28 -4.93
C HIS A 218 4.03 24.46 -6.09
N ILE A 219 3.23 23.46 -5.80
CA ILE A 219 2.60 22.59 -6.83
C ILE A 219 1.09 22.77 -6.69
N ARG A 220 0.48 23.33 -7.72
CA ARG A 220 -0.97 23.65 -7.72
C ARG A 220 -1.74 22.54 -8.43
N PRO A 221 -3.01 22.31 -8.06
CA PRO A 221 -3.89 21.40 -8.79
C PRO A 221 -3.98 21.83 -10.26
N ASP A 222 -3.91 20.86 -11.17
CA ASP A 222 -4.08 21.15 -12.61
C ASP A 222 -5.56 21.45 -12.91
N ASN A 223 -5.84 21.90 -14.13
CA ASN A 223 -7.17 22.44 -14.51
C ASN A 223 -8.25 21.35 -14.55
N SER A 224 -7.90 20.06 -14.57
CA SER A 224 -8.89 18.96 -14.63
C SER A 224 -9.69 18.91 -13.32
N HIS A 225 -9.16 19.52 -12.25
CA HIS A 225 -9.78 19.53 -10.90
C HIS A 225 -10.73 20.71 -10.74
N LEU A 226 -10.85 21.57 -11.75
CA LEU A 226 -11.72 22.78 -11.69
C LEU A 226 -13.15 22.37 -12.01
N PRO A 227 -14.14 23.11 -11.47
CA PRO A 227 -15.54 22.83 -11.78
C PRO A 227 -15.86 22.97 -13.27
N THR A 228 -15.02 23.67 -14.04
CA THR A 228 -15.17 23.84 -15.51
C THR A 228 -14.95 22.50 -16.24
N HIS A 229 -14.33 21.52 -15.60
CA HIS A 229 -14.05 20.18 -16.20
C HIS A 229 -14.85 19.09 -15.48
N ASN A 230 -15.92 19.48 -14.79
CA ASN A 230 -16.87 18.55 -14.11
C ASN A 230 -18.30 19.01 -14.44
N SER A 231 -19.29 18.13 -14.25
CA SER A 231 -20.71 18.43 -14.50
C SER A 231 -21.15 19.56 -13.57
N GLY A 232 -22.02 20.46 -14.05
CA GLY A 232 -22.43 21.68 -13.32
C GLY A 232 -23.07 21.38 -11.98
N GLY A 233 -23.75 20.24 -11.84
CA GLY A 233 -24.50 19.88 -10.61
C GLY A 233 -23.61 19.39 -9.47
N ARG A 234 -22.34 19.05 -9.76
CA ARG A 234 -21.39 18.48 -8.75
C ARG A 234 -21.22 19.48 -7.59
N LEU A 235 -21.27 18.97 -6.35
CA LEU A 235 -21.24 19.76 -5.09
C LEU A 235 -20.05 20.73 -5.08
N SER A 236 -20.32 22.01 -4.83
CA SER A 236 -19.32 23.07 -4.61
C SER A 236 -18.32 22.64 -3.51
N ASP A 237 -18.80 21.94 -2.48
CA ASP A 237 -17.96 21.50 -1.33
C ASP A 237 -16.75 20.69 -1.83
N TYR A 238 -16.92 19.86 -2.86
CA TYR A 238 -15.81 19.04 -3.42
C TYR A 238 -14.66 19.94 -3.84
N PHE A 239 -14.96 21.13 -4.38
CA PHE A 239 -13.96 22.01 -5.04
C PHE A 239 -13.31 22.98 -4.06
N ALA A 240 -13.85 23.16 -2.85
CA ALA A 240 -13.27 24.05 -1.82
C ALA A 240 -11.77 23.77 -1.64
N GLY A 241 -11.40 22.50 -1.43
CA GLY A 241 -10.01 22.08 -1.16
C GLY A 241 -9.11 22.36 -2.35
N ILE A 242 -9.62 22.11 -3.55
CA ILE A 242 -8.86 22.41 -4.81
C ILE A 242 -8.59 23.92 -4.88
N VAL A 243 -9.62 24.73 -4.67
CA VAL A 243 -9.45 26.21 -4.81
C VAL A 243 -8.44 26.67 -3.76
N GLU A 244 -8.50 26.13 -2.54
CA GLU A 244 -7.53 26.46 -1.47
C GLU A 244 -6.11 26.05 -1.89
N ALA A 245 -5.94 24.88 -2.55
CA ALA A 245 -4.61 24.39 -2.98
C ALA A 245 -4.06 25.23 -4.15
N VAL A 246 -4.92 25.88 -4.93
CA VAL A 246 -4.51 26.80 -6.04
C VAL A 246 -4.07 28.12 -5.42
N GLU A 247 -4.85 28.64 -4.47
CA GLU A 247 -4.60 29.97 -3.88
C GLU A 247 -3.40 29.92 -2.93
N ASN A 248 -3.34 28.89 -2.08
CA ASN A 248 -2.37 28.83 -0.95
C ASN A 248 -1.67 27.49 -0.94
N PRO A 249 -0.89 27.17 -1.99
CA PRO A 249 -0.17 25.90 -2.07
C PRO A 249 0.82 25.81 -0.91
N ARG A 250 0.94 24.62 -0.30
CA ARG A 250 1.97 24.30 0.72
C ARG A 250 3.35 24.31 0.06
N ALA A 251 4.38 24.73 0.78
CA ALA A 251 5.79 24.54 0.40
C ALA A 251 6.10 23.05 0.43
N VAL A 252 6.52 22.46 -0.70
CA VAL A 252 6.77 21.00 -0.84
C VAL A 252 8.07 20.76 -1.60
N SER A 253 8.65 19.55 -1.45
CA SER A 253 9.80 19.07 -2.24
C SER A 253 9.31 18.56 -3.60
N ILE A 254 10.25 18.48 -4.55
CA ILE A 254 10.05 17.79 -5.86
C ILE A 254 10.65 16.37 -5.78
N LEU A 255 11.72 16.17 -4.99
CA LEU A 255 12.34 14.84 -4.78
C LEU A 255 12.13 14.38 -3.33
N ARG A 256 11.92 13.09 -3.12
CA ARG A 256 11.89 12.47 -1.77
C ARG A 256 12.46 11.04 -1.86
N GLY A 257 12.77 10.46 -0.69
CA GLY A 257 13.17 9.06 -0.59
C GLY A 257 14.68 8.92 -0.57
N HIS A 258 15.16 7.75 -0.96
CA HIS A 258 16.61 7.40 -1.01
C HIS A 258 17.28 8.22 -2.10
N ARG A 259 18.50 8.72 -1.86
CA ARG A 259 19.29 9.45 -2.89
C ARG A 259 19.57 8.56 -4.11
N ASP A 260 19.73 7.23 -3.92
CA ASP A 260 20.01 6.23 -4.99
C ASP A 260 18.76 5.92 -5.83
N ALA A 261 17.54 6.23 -5.35
CA ALA A 261 16.29 5.89 -6.07
C ALA A 261 15.20 6.90 -5.70
N PRO A 262 15.44 8.21 -5.90
CA PRO A 262 14.53 9.23 -5.41
C PRO A 262 13.25 9.31 -6.23
N GLN A 263 12.15 9.55 -5.52
CA GLN A 263 10.82 9.78 -6.13
C GLN A 263 10.77 11.20 -6.68
N LEU A 264 9.94 11.37 -7.70
CA LEU A 264 9.78 12.63 -8.47
C LEU A 264 8.32 13.09 -8.32
N CYS A 265 8.12 14.38 -8.06
CA CYS A 265 6.76 14.97 -7.97
C CYS A 265 6.81 16.40 -8.52
N VAL A 266 6.31 16.58 -9.73
CA VAL A 266 6.40 17.90 -10.42
C VAL A 266 5.42 17.92 -11.59
N ASP A 267 4.83 19.09 -11.84
CA ASP A 267 3.96 19.32 -13.01
C ASP A 267 4.52 20.52 -13.77
N SER A 268 4.92 20.30 -15.02
CA SER A 268 5.65 21.29 -15.87
C SER A 268 4.90 22.61 -15.95
N ASP A 269 3.56 22.61 -15.83
CA ASP A 269 2.71 23.80 -16.03
C ASP A 269 2.12 24.32 -14.72
N PHE A 270 2.25 23.62 -13.60
CA PHE A 270 1.59 23.99 -12.32
C PHE A 270 2.58 24.01 -11.15
N THR A 271 3.88 24.15 -11.44
CA THR A 271 4.94 24.14 -10.39
C THR A 271 5.77 25.42 -10.48
N THR A 272 5.96 26.07 -9.34
CA THR A 272 6.81 27.28 -9.20
C THR A 272 7.71 27.08 -7.99
N ALA A 273 8.86 27.76 -7.96
CA ALA A 273 9.69 27.93 -6.74
C ALA A 273 9.00 28.91 -5.81
N VAL A 274 9.17 28.75 -4.50
CA VAL A 274 8.62 29.67 -3.47
C VAL A 274 9.24 31.05 -3.72
N ASP A 275 8.47 32.12 -3.51
CA ASP A 275 8.89 33.51 -3.81
C ASP A 275 10.20 33.82 -3.09
N GLY A 276 11.17 34.39 -3.82
CA GLY A 276 12.44 34.91 -3.27
C GLY A 276 13.48 33.82 -3.06
N ASP A 277 13.25 32.61 -3.57
CA ASP A 277 14.20 31.47 -3.50
C ASP A 277 14.81 31.26 -4.90
N ALA A 278 15.83 32.04 -5.24
CA ALA A 278 16.49 32.07 -6.56
C ALA A 278 17.16 30.73 -6.84
N GLU A 279 17.76 30.11 -5.82
CA GLU A 279 18.37 28.75 -5.91
C GLU A 279 17.31 27.75 -6.35
N ALA A 280 16.14 27.79 -5.72
CA ALA A 280 14.98 26.91 -6.01
C ALA A 280 14.49 27.16 -7.44
N ALA A 281 14.24 28.43 -7.79
CA ALA A 281 13.79 28.85 -9.14
C ALA A 281 14.74 28.29 -10.20
N GLY A 282 16.05 28.25 -9.89
CA GLY A 282 17.09 27.78 -10.82
C GLY A 282 17.12 26.27 -10.93
N ALA A 283 16.96 25.57 -9.81
CA ALA A 283 16.87 24.10 -9.75
C ALA A 283 15.66 23.63 -10.57
N LEU A 284 14.50 24.29 -10.40
CA LEU A 284 13.25 23.97 -11.15
C LEU A 284 13.49 24.20 -12.64
N ASP A 285 14.01 25.38 -12.99
CA ASP A 285 14.39 25.75 -14.39
C ASP A 285 15.24 24.65 -15.03
N THR A 286 16.27 24.20 -14.31
CA THR A 286 17.23 23.14 -14.75
C THR A 286 16.51 21.79 -14.86
N LEU A 287 15.64 21.47 -13.90
CA LEU A 287 14.84 20.21 -13.93
C LEU A 287 13.92 20.23 -15.16
N ILE A 288 13.22 21.35 -15.40
CA ILE A 288 12.25 21.51 -16.54
C ILE A 288 12.99 21.28 -17.86
N LYS A 289 14.21 21.82 -18.00
CA LYS A 289 15.00 21.67 -19.25
C LYS A 289 15.48 20.22 -19.40
N HIS A 290 15.90 19.57 -18.30
CA HIS A 290 16.42 18.18 -18.30
C HIS A 290 15.30 17.18 -18.63
N LEU A 291 14.11 17.37 -18.08
CA LEU A 291 12.99 16.40 -18.27
C LEU A 291 12.44 16.57 -19.68
N GLY A 292 12.35 17.81 -20.17
CA GLY A 292 11.87 18.17 -21.52
C GLY A 292 12.59 17.43 -22.65
N GLY A 293 13.91 17.26 -22.56
CA GLY A 293 14.74 16.63 -23.62
C GLY A 293 14.74 15.12 -23.51
N ALA A 294 14.79 14.63 -22.26
CA ALA A 294 14.77 13.21 -21.84
C ALA A 294 13.44 12.55 -22.21
N LEU A 295 12.36 13.35 -22.32
CA LEU A 295 11.00 12.87 -22.64
C LEU A 295 11.06 11.90 -23.82
N TYR A 296 10.69 10.65 -23.63
CA TYR A 296 10.69 9.64 -24.73
C TYR A 296 9.27 9.14 -24.95
N GLU A 297 9.08 8.49 -26.09
CA GLU A 297 7.74 8.15 -26.61
C GLU A 297 7.42 6.68 -26.38
N VAL A 298 6.19 6.43 -25.93
CA VAL A 298 5.60 5.08 -25.83
C VAL A 298 4.26 5.16 -26.54
N VAL A 299 4.09 4.38 -27.60
CA VAL A 299 2.80 4.35 -28.35
C VAL A 299 1.95 3.22 -27.82
N LEU A 300 0.77 3.55 -27.28
CA LEU A 300 -0.19 2.51 -26.83
C LEU A 300 -1.17 2.29 -27.97
N GLY A 301 -1.08 1.14 -28.62
CA GLY A 301 -2.01 0.71 -29.68
C GLY A 301 -3.27 0.12 -29.04
N PRO A 302 -4.34 -0.11 -29.82
CA PRO A 302 -5.55 -0.72 -29.29
C PRO A 302 -5.20 -2.04 -28.61
N GLY A 303 -5.65 -2.20 -27.36
CA GLY A 303 -5.43 -3.41 -26.56
C GLY A 303 -4.18 -3.33 -25.70
N ASP A 304 -3.42 -2.24 -25.78
CA ASP A 304 -2.21 -2.03 -24.95
C ASP A 304 -2.63 -1.37 -23.64
N VAL A 305 -2.20 -1.96 -22.52
CA VAL A 305 -2.47 -1.46 -21.13
C VAL A 305 -1.12 -1.04 -20.56
N ALA A 306 -0.93 0.22 -20.17
CA ALA A 306 0.34 0.65 -19.54
C ALA A 306 0.06 1.06 -18.10
N PHE A 307 1.01 0.78 -17.21
CA PHE A 307 1.03 1.32 -15.84
C PHE A 307 2.30 2.13 -15.66
N LEU A 308 2.16 3.43 -15.59
CA LEU A 308 3.27 4.38 -15.31
C LEU A 308 3.52 4.41 -13.81
N ASP A 309 4.75 4.28 -13.40
CA ASP A 309 5.10 4.44 -11.97
C ASP A 309 5.20 5.94 -11.70
N ASN A 310 4.14 6.49 -11.09
CA ASN A 310 3.96 7.93 -10.88
C ASN A 310 4.91 8.47 -9.82
N ARG A 311 5.63 7.60 -9.11
CA ARG A 311 6.70 8.00 -8.17
C ARG A 311 8.00 8.25 -8.94
N ASN A 312 8.16 7.67 -10.12
CA ASN A 312 9.47 7.68 -10.85
C ASN A 312 9.45 8.52 -12.12
N VAL A 313 8.32 8.64 -12.79
CA VAL A 313 8.28 9.36 -14.10
C VAL A 313 7.19 10.43 -14.11
N VAL A 314 7.43 11.44 -14.93
CA VAL A 314 6.42 12.39 -15.43
C VAL A 314 5.97 11.85 -16.78
N HIS A 315 4.74 12.16 -17.17
CA HIS A 315 4.24 11.70 -18.49
C HIS A 315 3.41 12.80 -19.10
N GLY A 316 3.17 12.64 -20.38
CA GLY A 316 2.37 13.57 -21.19
C GLY A 316 1.92 12.92 -22.46
N ARG A 317 1.65 13.72 -23.49
CA ARG A 317 1.08 13.18 -24.75
C ARG A 317 1.46 14.13 -25.89
N ARG A 318 1.95 13.56 -26.97
CA ARG A 318 2.36 14.36 -28.15
C ARG A 318 1.15 15.07 -28.74
N PRO A 319 1.39 16.21 -29.42
CA PRO A 319 0.33 16.90 -30.13
C PRO A 319 -0.17 16.03 -31.29
N PHE A 320 -1.46 16.12 -31.58
CA PHE A 320 -2.07 15.42 -32.72
C PHE A 320 -3.30 16.19 -33.21
N ARG A 321 -3.71 15.88 -34.44
CA ARG A 321 -4.93 16.44 -35.06
C ARG A 321 -6.08 15.46 -34.84
N ALA A 322 -7.06 15.83 -34.01
CA ALA A 322 -8.30 15.06 -33.82
C ALA A 322 -9.22 15.28 -35.03
N ARG A 323 -9.98 14.26 -35.43
CA ARG A 323 -10.92 14.29 -36.60
C ARG A 323 -12.34 14.63 -36.13
N PHE A 324 -12.66 14.30 -34.88
CA PHE A 324 -14.01 14.48 -34.28
C PHE A 324 -15.08 13.86 -35.19
N ASP A 325 -14.84 12.64 -35.65
CA ASP A 325 -15.75 11.91 -36.58
C ASP A 325 -16.10 10.53 -35.97
N GLY A 326 -15.76 10.30 -34.70
CA GLY A 326 -16.01 9.02 -33.99
C GLY A 326 -14.88 8.03 -34.13
N THR A 327 -13.74 8.40 -34.75
CA THR A 327 -12.60 7.48 -35.00
C THR A 327 -11.42 7.82 -34.10
N ASP A 328 -11.54 8.84 -33.23
CA ASP A 328 -10.39 9.42 -32.49
C ASP A 328 -9.87 8.45 -31.42
N ARG A 329 -8.60 8.67 -31.07
CA ARG A 329 -7.89 8.04 -29.94
C ARG A 329 -8.75 8.06 -28.69
N TRP A 330 -8.75 6.94 -27.98
CA TRP A 330 -9.60 6.77 -26.79
C TRP A 330 -8.86 5.82 -25.85
N LEU A 331 -8.54 6.30 -24.65
CA LEU A 331 -8.01 5.46 -23.55
C LEU A 331 -9.00 5.42 -22.40
N LYS A 332 -9.10 4.27 -21.73
CA LYS A 332 -9.62 4.23 -20.34
C LYS A 332 -8.43 4.45 -19.41
N ARG A 333 -8.68 5.06 -18.25
CA ARG A 333 -7.59 5.43 -17.33
C ARG A 333 -8.00 5.19 -15.88
N ILE A 334 -7.02 4.91 -15.04
CA ILE A 334 -7.29 4.64 -13.60
C ILE A 334 -6.07 5.08 -12.80
N ASN A 335 -6.33 5.55 -11.57
CA ASN A 335 -5.30 5.83 -10.55
C ASN A 335 -5.22 4.63 -9.61
N VAL A 336 -4.01 4.25 -9.24
CA VAL A 336 -3.76 3.10 -8.35
C VAL A 336 -2.91 3.58 -7.18
N THR A 337 -3.31 3.26 -5.96
CA THR A 337 -2.48 3.50 -4.75
C THR A 337 -1.95 2.19 -4.20
N ALA A 338 -0.70 2.17 -3.77
CA ALA A 338 -0.13 1.03 -3.02
C ALA A 338 -0.79 0.94 -1.65
N ASP A 339 -1.37 2.02 -1.13
CA ASP A 339 -1.81 2.06 0.29
C ASP A 339 -3.11 2.87 0.38
N LEU A 340 -4.25 2.21 0.24
CA LEU A 340 -5.56 2.90 0.30
C LEU A 340 -5.74 3.48 1.70
N ARG A 341 -5.32 2.75 2.73
CA ARG A 341 -5.57 3.17 4.14
C ARG A 341 -5.04 4.59 4.38
N LYS A 342 -3.92 4.95 3.75
CA LYS A 342 -3.26 6.24 4.06
C LYS A 342 -4.14 7.44 3.72
N SER A 343 -5.09 7.30 2.81
CA SER A 343 -5.94 8.43 2.34
C SER A 343 -7.29 8.42 3.06
N ARG A 344 -7.49 7.61 4.11
CA ARG A 344 -8.83 7.50 4.76
C ARG A 344 -9.35 8.89 5.19
N ALA A 345 -8.48 9.81 5.62
CA ALA A 345 -8.91 11.18 6.02
C ALA A 345 -9.63 11.88 4.86
N ALA A 346 -9.35 11.50 3.60
CA ALA A 346 -9.89 12.17 2.40
C ALA A 346 -11.00 11.35 1.73
N ARG A 347 -11.46 10.27 2.35
CA ARG A 347 -12.47 9.37 1.76
C ARG A 347 -13.69 9.34 2.69
N ARG A 348 -14.86 9.10 2.10
CA ARG A 348 -16.19 9.21 2.77
C ARG A 348 -16.30 8.12 3.83
N ASP A 349 -15.77 6.93 3.55
CA ASP A 349 -15.91 5.74 4.42
C ASP A 349 -14.87 4.71 3.97
N ALA A 350 -14.75 3.60 4.66
CA ALA A 350 -13.60 2.69 4.49
C ALA A 350 -13.47 2.22 3.03
N GLN A 351 -14.59 1.83 2.39
CA GLN A 351 -14.55 1.21 1.05
C GLN A 351 -14.60 2.26 -0.07
N ALA A 352 -15.05 3.48 0.24
CA ALA A 352 -15.17 4.56 -0.75
C ALA A 352 -13.78 4.81 -1.35
N ARG A 353 -13.75 5.03 -2.66
CA ARG A 353 -12.46 5.14 -3.41
C ARG A 353 -12.25 6.57 -3.91
N VAL A 354 -13.10 7.52 -3.54
CA VAL A 354 -13.12 8.85 -4.19
C VAL A 354 -12.46 9.86 -3.26
N LEU A 355 -11.24 10.27 -3.60
CA LEU A 355 -10.42 11.20 -2.80
C LEU A 355 -11.06 12.58 -2.85
N GLY A 356 -11.27 13.19 -1.68
CA GLY A 356 -11.88 14.53 -1.58
C GLY A 356 -13.37 14.49 -1.29
N GLU A 357 -13.96 13.32 -1.02
CA GLU A 357 -15.37 13.23 -0.53
C GLU A 357 -15.40 13.52 0.98
N ALA A 358 -14.23 13.47 1.65
CA ALA A 358 -13.99 13.95 3.03
C ALA A 358 -12.92 15.04 3.02
N HIS B 8 -15.33 -30.49 10.41
CA HIS B 8 -14.06 -30.07 9.74
C HIS B 8 -14.38 -29.33 8.43
N HIS B 9 -15.32 -28.38 8.48
CA HIS B 9 -15.86 -27.59 7.34
C HIS B 9 -15.38 -26.13 7.43
N HIS B 10 -15.35 -25.42 6.29
CA HIS B 10 -14.98 -23.99 6.22
C HIS B 10 -16.05 -23.16 6.95
N SER B 11 -15.63 -22.17 7.74
CA SER B 11 -16.53 -21.13 8.31
C SER B 11 -15.74 -19.85 8.48
N SER B 12 -16.43 -18.72 8.58
CA SER B 12 -15.80 -17.43 8.89
C SER B 12 -16.84 -16.57 9.58
N GLY B 13 -16.40 -15.61 10.38
CA GLY B 13 -17.34 -14.74 11.09
C GLY B 13 -16.67 -13.60 11.82
N LEU B 14 -17.50 -12.69 12.27
CA LEU B 14 -17.10 -11.43 12.92
C LEU B 14 -17.30 -11.62 14.41
N VAL B 15 -16.26 -11.36 15.19
CA VAL B 15 -16.31 -11.50 16.66
C VAL B 15 -16.10 -10.11 17.23
N PRO B 16 -17.10 -9.53 17.91
CA PRO B 16 -16.96 -8.16 18.40
C PRO B 16 -16.18 -8.10 19.72
N ARG B 17 -15.57 -6.95 19.98
CA ARG B 17 -14.99 -6.58 21.29
C ARG B 17 -15.46 -5.16 21.59
N GLY B 18 -16.16 -4.96 22.71
CA GLY B 18 -16.83 -3.67 23.03
C GLY B 18 -17.67 -3.18 21.86
N SER B 19 -17.45 -1.95 21.41
CA SER B 19 -18.18 -1.31 20.28
C SER B 19 -17.54 -1.67 18.93
N HIS B 20 -16.43 -2.43 18.93
CA HIS B 20 -15.67 -2.77 17.69
C HIS B 20 -16.30 -4.02 17.08
N MET B 21 -17.23 -3.84 16.13
CA MET B 21 -18.13 -4.93 15.68
C MET B 21 -17.36 -5.92 14.80
N THR B 22 -16.24 -5.50 14.20
CA THR B 22 -15.40 -6.36 13.33
C THR B 22 -14.02 -6.46 13.95
N ALA B 23 -13.92 -6.37 15.27
CA ALA B 23 -12.61 -6.38 15.95
C ALA B 23 -11.84 -7.60 15.46
N ILE B 24 -12.44 -8.76 15.60
CA ILE B 24 -11.82 -10.06 15.20
C ILE B 24 -12.57 -10.61 13.98
N ARG B 25 -11.86 -10.87 12.90
CA ARG B 25 -12.38 -11.59 11.73
C ARG B 25 -11.78 -12.98 11.80
N GLU B 26 -12.59 -14.00 12.04
CA GLU B 26 -12.11 -15.38 12.24
C GLU B 26 -12.47 -16.20 11.01
N ILE B 27 -11.50 -16.97 10.54
CA ILE B 27 -11.65 -17.95 9.43
C ILE B 27 -11.27 -19.32 9.99
N ARG B 28 -12.10 -20.33 9.78
CA ARG B 28 -11.76 -21.74 10.10
C ARG B 28 -11.55 -22.45 8.77
N LEU B 29 -10.34 -22.93 8.55
CA LEU B 29 -10.01 -23.72 7.34
C LEU B 29 -10.75 -25.05 7.40
N SER B 30 -11.35 -25.47 6.30
CA SER B 30 -11.74 -26.90 6.10
C SER B 30 -10.48 -27.77 6.07
N GLU B 31 -10.63 -29.07 6.29
CA GLU B 31 -9.50 -30.01 6.12
C GLU B 31 -8.88 -29.85 4.72
N PRO B 32 -9.65 -29.86 3.60
CA PRO B 32 -9.06 -29.65 2.28
C PRO B 32 -8.28 -28.33 2.14
N GLU B 33 -8.80 -27.24 2.73
CA GLU B 33 -8.13 -25.92 2.66
C GLU B 33 -6.79 -26.01 3.42
N SER B 34 -6.80 -26.64 4.60
CA SER B 34 -5.58 -26.80 5.42
C SER B 34 -4.56 -27.57 4.60
N ALA B 35 -4.97 -28.66 3.95
CA ALA B 35 -4.07 -29.52 3.13
C ALA B 35 -3.54 -28.72 1.92
N GLN B 36 -4.40 -27.92 1.30
CA GLN B 36 -4.02 -27.11 0.11
C GLN B 36 -2.93 -26.12 0.53
N ALA B 37 -3.12 -25.43 1.65
CA ALA B 37 -2.16 -24.42 2.15
C ALA B 37 -0.85 -25.12 2.51
N ALA B 38 -0.91 -26.28 3.16
CA ALA B 38 0.29 -27.06 3.56
C ALA B 38 1.04 -27.50 2.29
N LEU B 39 0.32 -28.02 1.31
CA LEU B 39 0.97 -28.50 0.06
C LEU B 39 1.72 -27.34 -0.61
N LEU B 40 1.08 -26.17 -0.70
CA LEU B 40 1.71 -24.98 -1.34
C LEU B 40 2.98 -24.59 -0.56
N ALA B 41 2.91 -24.54 0.76
CA ALA B 41 4.08 -24.18 1.60
C ALA B 41 5.20 -25.20 1.38
N LEU B 42 4.85 -26.48 1.30
CA LEU B 42 5.86 -27.57 1.11
C LEU B 42 6.47 -27.46 -0.29
N GLU B 43 5.68 -27.10 -1.31
CA GLU B 43 6.21 -26.88 -2.68
C GLU B 43 7.16 -25.67 -2.68
N CYS B 44 6.85 -24.61 -1.94
CA CYS B 44 7.73 -23.42 -1.87
C CYS B 44 9.05 -23.84 -1.20
N ALA B 45 8.98 -24.68 -0.16
CA ALA B 45 10.16 -25.12 0.62
C ALA B 45 11.07 -25.97 -0.27
N GLN B 46 10.52 -26.65 -1.28
CA GLN B 46 11.28 -27.51 -2.23
C GLN B 46 11.91 -26.66 -3.34
N ARG B 47 11.39 -25.46 -3.62
CA ARG B 47 11.78 -24.65 -4.81
C ARG B 47 12.64 -23.45 -4.41
N TYR B 48 12.54 -22.99 -3.17
CA TYR B 48 13.22 -21.76 -2.70
C TYR B 48 14.07 -22.08 -1.47
N ALA B 49 15.18 -21.37 -1.28
CA ALA B 49 16.13 -21.63 -0.18
C ALA B 49 15.46 -21.36 1.18
N GLU B 50 14.88 -20.17 1.34
CA GLU B 50 14.43 -19.68 2.67
C GLU B 50 13.08 -18.97 2.53
N PRO B 51 12.28 -18.94 3.63
CA PRO B 51 11.05 -18.15 3.65
C PRO B 51 11.28 -16.65 3.44
N ASP B 52 12.51 -16.14 3.58
CA ASP B 52 12.74 -14.70 3.31
C ASP B 52 13.95 -14.53 2.41
N SER B 53 14.26 -15.52 1.58
CA SER B 53 15.28 -15.34 0.53
C SER B 53 14.70 -14.49 -0.60
N ALA B 54 15.55 -13.74 -1.29
CA ALA B 54 15.14 -12.81 -2.36
C ALA B 54 14.31 -13.54 -3.43
N ASP B 55 14.73 -14.74 -3.82
CA ASP B 55 14.09 -15.55 -4.89
C ASP B 55 12.61 -15.80 -4.53
N PHE B 56 12.36 -16.17 -3.29
CA PHE B 56 10.98 -16.44 -2.83
C PHE B 56 10.20 -15.13 -2.70
N LEU B 57 10.78 -14.10 -2.10
CA LEU B 57 9.99 -12.88 -1.79
C LEU B 57 9.63 -12.16 -3.07
N ALA B 58 10.44 -12.28 -4.14
CA ALA B 58 10.07 -11.72 -5.45
C ALA B 58 8.78 -12.37 -5.98
N ASP B 59 8.50 -13.62 -5.61
CA ASP B 59 7.37 -14.42 -6.14
C ASP B 59 6.23 -14.49 -5.13
N ALA B 60 6.46 -14.12 -3.86
CA ALA B 60 5.57 -14.49 -2.74
C ALA B 60 4.14 -13.98 -2.98
N ALA B 61 4.00 -12.76 -3.50
CA ALA B 61 2.69 -12.10 -3.66
C ALA B 61 1.87 -12.89 -4.69
N VAL B 62 2.53 -13.48 -5.69
CA VAL B 62 1.84 -14.29 -6.74
C VAL B 62 1.56 -15.69 -6.22
N LEU B 63 2.53 -16.31 -5.54
CA LEU B 63 2.32 -17.66 -4.99
C LEU B 63 1.17 -17.63 -3.96
N ALA B 64 1.02 -16.54 -3.20
CA ALA B 64 -0.08 -16.38 -2.23
C ALA B 64 -1.45 -16.54 -2.92
N HIS B 65 -1.57 -16.15 -4.19
CA HIS B 65 -2.82 -16.29 -5.00
C HIS B 65 -3.21 -17.76 -5.16
N ASP B 66 -2.32 -18.70 -4.85
CA ASP B 66 -2.61 -20.16 -4.95
C ASP B 66 -3.21 -20.65 -3.63
N LEU B 67 -3.30 -19.81 -2.60
CA LEU B 67 -4.01 -20.22 -1.35
C LEU B 67 -5.49 -20.42 -1.68
N PRO B 68 -6.23 -21.17 -0.82
CA PRO B 68 -7.65 -21.42 -1.10
C PRO B 68 -8.46 -20.13 -1.35
N ARG B 69 -9.30 -20.16 -2.39
CA ARG B 69 -10.02 -18.96 -2.88
C ARG B 69 -10.93 -18.40 -1.77
N ALA B 70 -11.67 -19.25 -1.05
CA ALA B 70 -12.63 -18.74 -0.06
C ALA B 70 -11.86 -18.01 1.04
N VAL B 71 -10.68 -18.53 1.40
CA VAL B 71 -9.79 -17.88 2.40
C VAL B 71 -9.30 -16.54 1.85
N ARG B 72 -8.85 -16.51 0.60
CA ARG B 72 -8.35 -15.25 -0.01
C ARG B 72 -9.46 -14.19 0.02
N ARG B 73 -10.71 -14.56 -0.26
CA ARG B 73 -11.80 -13.55 -0.29
C ARG B 73 -11.96 -12.96 1.13
N GLU B 74 -11.86 -13.80 2.16
CA GLU B 74 -12.10 -13.33 3.54
C GLU B 74 -10.89 -12.51 4.01
N VAL B 75 -9.69 -12.87 3.58
CA VAL B 75 -8.47 -12.11 3.99
C VAL B 75 -8.54 -10.74 3.32
N GLU B 76 -8.99 -10.69 2.07
CA GLU B 76 -9.10 -9.41 1.33
C GLU B 76 -10.12 -8.52 2.05
N ARG B 77 -11.24 -9.05 2.52
CA ARG B 77 -12.21 -8.22 3.29
C ARG B 77 -11.54 -7.67 4.55
N ALA B 78 -10.72 -8.47 5.21
CA ALA B 78 -9.98 -8.02 6.40
C ALA B 78 -9.00 -6.90 6.03
N ARG B 79 -8.29 -7.04 4.90
CA ARG B 79 -7.26 -6.07 4.46
C ARG B 79 -7.86 -4.67 4.31
N LEU B 80 -9.10 -4.56 3.85
CA LEU B 80 -9.72 -3.24 3.58
C LEU B 80 -10.63 -2.81 4.73
N ASP B 81 -10.66 -3.56 5.83
CA ASP B 81 -11.47 -3.18 7.02
C ASP B 81 -10.61 -2.30 7.91
N ASP B 82 -10.81 -0.98 7.86
CA ASP B 82 -9.98 -0.01 8.60
C ASP B 82 -10.36 0.04 10.08
N ARG B 83 -11.24 -0.82 10.55
CA ARG B 83 -11.53 -0.93 12.00
C ARG B 83 -11.12 -2.31 12.51
N LEU B 84 -10.44 -3.13 11.69
CA LEU B 84 -9.97 -4.47 12.12
C LEU B 84 -9.03 -4.34 13.32
N HIS B 85 -9.14 -5.26 14.28
CA HIS B 85 -8.10 -5.48 15.30
C HIS B 85 -7.22 -6.66 14.88
N ALA B 86 -7.83 -7.83 14.67
CA ALA B 86 -7.10 -9.08 14.39
C ALA B 86 -7.86 -9.90 13.37
N LEU B 87 -7.19 -10.28 12.29
CA LEU B 87 -7.61 -11.39 11.40
C LEU B 87 -7.02 -12.68 11.97
N VAL B 88 -7.85 -13.69 12.19
CA VAL B 88 -7.38 -14.98 12.74
C VAL B 88 -7.78 -16.09 11.78
N VAL B 89 -6.80 -16.84 11.30
CA VAL B 89 -7.02 -17.98 10.38
C VAL B 89 -6.67 -19.21 11.19
N ARG B 90 -7.67 -20.02 11.53
CA ARG B 90 -7.47 -21.19 12.41
C ARG B 90 -7.49 -22.47 11.59
N GLY B 91 -6.67 -23.43 12.02
CA GLY B 91 -6.79 -24.82 11.54
C GLY B 91 -5.76 -25.21 10.49
N ASN B 92 -4.61 -24.54 10.42
CA ASN B 92 -3.52 -25.03 9.56
C ASN B 92 -2.90 -26.28 10.16
N ASP B 93 -2.30 -27.08 9.29
CA ASP B 93 -1.66 -28.37 9.66
C ASP B 93 -0.33 -28.04 10.34
N VAL B 94 -0.11 -28.60 11.53
CA VAL B 94 1.24 -28.57 12.18
C VAL B 94 1.53 -29.99 12.65
N ASP B 95 2.59 -30.59 12.13
CA ASP B 95 3.03 -31.94 12.53
C ASP B 95 3.95 -31.79 13.75
N GLN B 96 3.41 -31.93 14.96
CA GLN B 96 4.19 -31.65 16.19
C GLN B 96 5.40 -32.58 16.28
N ASP B 97 5.20 -33.85 15.95
CA ASP B 97 6.25 -34.90 16.03
C ASP B 97 7.40 -34.49 15.11
N ALA B 98 7.11 -34.14 13.86
CA ALA B 98 8.13 -33.77 12.86
C ALA B 98 8.78 -32.44 13.25
N LEU B 99 8.03 -31.55 13.94
CA LEU B 99 8.52 -30.18 14.25
C LEU B 99 9.70 -30.27 15.21
N GLY B 100 9.65 -31.20 16.17
CA GLY B 100 10.67 -31.34 17.22
C GLY B 100 10.51 -30.28 18.31
N PRO B 101 11.45 -30.21 19.26
CA PRO B 101 11.31 -29.37 20.45
C PRO B 101 11.40 -27.88 20.14
N THR B 102 10.76 -27.08 20.99
CA THR B 102 10.89 -25.61 20.99
C THR B 102 12.35 -25.26 21.29
N PRO B 103 13.04 -24.57 20.35
CA PRO B 103 14.44 -24.20 20.58
C PRO B 103 14.60 -23.30 21.80
N PRO B 104 15.80 -23.33 22.43
CA PRO B 104 16.05 -22.55 23.64
C PRO B 104 16.38 -21.07 23.41
N HIS B 105 16.53 -20.67 22.15
CA HIS B 105 16.90 -19.28 21.78
C HIS B 105 16.51 -19.07 20.32
N TRP B 106 16.13 -17.85 19.94
CA TRP B 106 15.78 -17.57 18.52
C TRP B 106 17.01 -17.83 17.64
N ARG B 107 18.22 -17.72 18.19
CA ARG B 107 19.44 -17.94 17.37
C ARG B 107 19.50 -19.40 16.92
N GLN B 108 18.75 -20.31 17.57
CA GLN B 108 18.73 -21.74 17.20
C GLN B 108 17.38 -22.12 16.61
N ALA B 109 16.54 -21.16 16.25
CA ALA B 109 15.12 -21.42 15.93
C ALA B 109 14.83 -21.45 14.44
N ARG B 110 15.77 -21.07 13.57
CA ARG B 110 15.52 -21.17 12.12
C ARG B 110 15.87 -22.60 11.70
N THR B 111 15.02 -23.55 12.08
CA THR B 111 15.28 -24.99 11.93
C THR B 111 14.73 -25.48 10.60
N ALA B 112 15.34 -26.52 10.03
CA ALA B 112 14.86 -27.18 8.80
C ALA B 112 13.41 -27.63 8.98
N ALA B 113 13.08 -28.23 10.12
CA ALA B 113 11.76 -28.86 10.39
C ALA B 113 10.68 -27.77 10.44
N SER B 114 11.04 -26.55 10.81
CA SER B 114 10.05 -25.45 10.97
C SER B 114 9.97 -24.58 9.71
N ARG B 115 10.78 -24.83 8.66
CA ARG B 115 10.82 -23.93 7.49
C ARG B 115 9.43 -23.85 6.84
N ARG B 116 8.72 -24.97 6.73
CA ARG B 116 7.41 -24.99 6.02
C ARG B 116 6.45 -23.98 6.66
N TYR B 117 6.55 -23.74 7.96
CA TYR B 117 5.62 -22.81 8.67
C TYR B 117 6.05 -21.37 8.41
N GLY B 118 7.35 -21.12 8.29
CA GLY B 118 7.83 -19.80 7.83
C GLY B 118 7.32 -19.49 6.43
N PHE B 119 7.42 -20.44 5.50
CA PHE B 119 6.90 -20.25 4.12
C PHE B 119 5.40 -19.94 4.17
N LEU B 120 4.65 -20.71 4.94
CA LEU B 120 3.18 -20.53 4.96
C LEU B 120 2.85 -19.17 5.60
N LEU B 121 3.55 -18.77 6.65
CA LEU B 121 3.28 -17.43 7.26
C LEU B 121 3.50 -16.35 6.20
N VAL B 122 4.59 -16.41 5.43
CA VAL B 122 4.88 -15.39 4.39
C VAL B 122 3.80 -15.45 3.31
N LEU B 123 3.32 -16.63 2.93
CA LEU B 123 2.25 -16.73 1.90
C LEU B 123 0.99 -16.02 2.40
N TYR B 124 0.52 -16.29 3.61
CA TYR B 124 -0.67 -15.59 4.15
C TYR B 124 -0.37 -14.09 4.21
N ALA B 125 0.80 -13.74 4.74
CA ALA B 125 1.16 -12.33 4.96
C ALA B 125 1.10 -11.57 3.64
N SER B 126 1.53 -12.22 2.55
CA SER B 126 1.72 -11.56 1.24
C SER B 126 0.36 -11.29 0.58
N LEU B 127 -0.74 -11.80 1.14
CA LEU B 127 -2.12 -11.36 0.74
C LEU B 127 -2.40 -9.96 1.29
N LEU B 128 -1.73 -9.56 2.36
CA LEU B 128 -2.03 -8.29 3.08
C LEU B 128 -1.08 -7.17 2.66
N GLY B 129 0.12 -7.49 2.17
CA GLY B 129 1.14 -6.49 1.91
C GLY B 129 2.46 -7.19 1.68
N ASP B 130 3.54 -6.45 1.87
CA ASP B 130 4.89 -6.97 1.62
C ASP B 130 5.59 -7.15 2.96
N VAL B 131 6.30 -8.26 3.12
CA VAL B 131 6.96 -8.59 4.41
C VAL B 131 8.26 -7.80 4.57
N VAL B 132 8.52 -7.38 5.79
CA VAL B 132 9.72 -6.61 6.16
C VAL B 132 10.26 -7.12 7.48
N GLY B 133 11.53 -6.84 7.72
CA GLY B 133 12.20 -7.06 9.01
C GLY B 133 12.94 -5.83 9.46
N TRP B 134 13.69 -5.96 10.54
CA TRP B 134 14.38 -4.84 11.22
C TRP B 134 15.82 -5.26 11.51
N ALA B 135 16.79 -4.43 11.10
CA ALA B 135 18.23 -4.73 11.19
C ALA B 135 18.62 -5.14 12.62
N THR B 136 18.07 -4.48 13.62
CA THR B 136 18.47 -4.68 15.05
C THR B 136 17.67 -5.83 15.70
N GLN B 137 16.73 -6.45 15.00
CA GLN B 137 15.85 -7.49 15.62
C GLN B 137 16.13 -8.86 14.99
N GLN B 138 16.59 -9.82 15.79
CA GLN B 138 16.85 -11.21 15.37
C GLN B 138 17.64 -11.22 14.07
N ASP B 139 18.72 -10.44 14.05
CA ASP B 139 19.72 -10.42 12.94
C ASP B 139 19.05 -10.05 11.60
N GLY B 140 18.00 -9.25 11.65
CA GLY B 140 17.31 -8.74 10.44
C GLY B 140 16.49 -9.82 9.76
N ARG B 141 16.21 -10.94 10.42
CA ARG B 141 15.32 -11.98 9.87
C ARG B 141 13.94 -11.37 9.63
N VAL B 142 13.33 -11.73 8.51
CA VAL B 142 11.93 -11.31 8.24
C VAL B 142 11.00 -12.27 8.99
N VAL B 143 11.18 -13.58 8.85
CA VAL B 143 10.45 -14.56 9.69
C VAL B 143 11.20 -14.69 11.01
N THR B 144 10.64 -14.17 12.10
CA THR B 144 11.27 -14.22 13.44
C THR B 144 10.57 -15.26 14.32
N ASP B 145 11.13 -15.47 15.49
CA ASP B 145 10.70 -16.54 16.41
C ASP B 145 10.31 -15.94 17.74
N VAL B 146 9.17 -16.35 18.25
CA VAL B 146 8.71 -15.95 19.61
C VAL B 146 8.73 -17.20 20.46
N LEU B 147 9.61 -17.22 21.46
CA LEU B 147 9.75 -18.36 22.38
C LEU B 147 10.42 -17.85 23.65
N PRO B 148 10.18 -18.52 24.79
CA PRO B 148 10.76 -18.06 26.05
C PRO B 148 12.24 -18.45 26.14
N ILE B 149 13.05 -17.54 26.63
CA ILE B 149 14.50 -17.78 26.81
C ILE B 149 14.83 -17.77 28.30
N GLU B 150 15.48 -18.85 28.75
CA GLU B 150 15.93 -19.05 30.16
C GLU B 150 16.87 -17.90 30.53
N GLY B 151 16.65 -17.29 31.70
CA GLY B 151 17.45 -16.15 32.17
C GLY B 151 16.93 -14.82 31.67
N GLN B 152 15.93 -14.81 30.79
CA GLN B 152 15.28 -13.57 30.28
C GLN B 152 13.78 -13.59 30.61
N GLU B 153 13.39 -14.28 31.68
CA GLU B 153 11.98 -14.40 32.16
C GLU B 153 11.41 -13.01 32.44
N ASP B 154 12.25 -12.16 33.04
CA ASP B 154 11.93 -10.77 33.45
C ASP B 154 12.66 -9.82 32.51
N SER B 155 12.03 -9.47 31.39
CA SER B 155 12.57 -8.56 30.34
C SER B 155 11.41 -7.79 29.71
N LEU B 156 11.71 -6.82 28.85
CA LEU B 156 10.73 -5.98 28.12
C LEU B 156 10.59 -6.47 26.67
N VAL B 157 11.04 -7.69 26.36
CA VAL B 157 11.05 -8.25 24.97
C VAL B 157 10.25 -9.54 24.90
N SER B 158 9.98 -10.04 23.69
CA SER B 158 9.00 -11.13 23.42
C SER B 158 9.51 -12.49 23.92
N SER B 159 10.76 -12.56 24.41
CA SER B 159 11.36 -13.81 24.94
C SER B 159 11.10 -13.92 26.45
N SER B 160 10.36 -12.96 27.03
CA SER B 160 9.93 -12.97 28.46
C SER B 160 8.90 -14.08 28.68
N SER B 161 8.59 -14.36 29.94
CA SER B 161 7.55 -15.34 30.35
C SER B 161 6.85 -14.90 31.63
N SER B 162 7.60 -14.83 32.74
CA SER B 162 7.10 -14.62 34.13
C SER B 162 6.51 -13.22 34.30
N VAL B 163 6.95 -12.25 33.50
CA VAL B 163 6.52 -10.83 33.55
C VAL B 163 5.68 -10.52 32.30
N GLU B 164 4.70 -9.64 32.44
CA GLU B 164 3.80 -9.23 31.33
C GLU B 164 4.65 -8.52 30.27
N LEU B 165 4.49 -8.87 28.99
CA LEU B 165 5.02 -8.02 27.89
C LEU B 165 4.04 -6.87 27.72
N GLY B 166 4.46 -5.68 28.14
CA GLY B 166 3.64 -4.45 28.13
C GLY B 166 3.11 -4.22 26.75
N TRP B 167 1.87 -3.74 26.65
CA TRP B 167 1.24 -3.48 25.33
C TRP B 167 1.92 -2.29 24.63
N HIS B 168 1.99 -2.36 23.30
CA HIS B 168 2.63 -1.33 22.45
C HIS B 168 2.13 -1.50 21.03
N THR B 169 2.11 -0.41 20.29
CA THR B 169 2.20 -0.45 18.81
C THR B 169 3.58 -1.02 18.46
N GLU B 170 3.66 -1.94 17.50
CA GLU B 170 4.96 -2.53 17.06
C GLU B 170 5.80 -1.40 16.44
N ASP B 171 7.04 -1.22 16.92
CA ASP B 171 8.00 -0.19 16.47
C ASP B 171 7.35 1.19 16.44
N ALA B 172 6.67 1.56 17.53
CA ALA B 172 5.86 2.80 17.60
C ALA B 172 6.68 4.04 17.24
N PHE B 173 7.98 4.04 17.54
CA PHE B 173 8.87 5.21 17.31
C PHE B 173 9.06 5.47 15.81
N SER B 174 8.87 4.45 14.96
CA SER B 174 9.38 4.46 13.56
C SER B 174 8.30 4.88 12.57
N PRO B 175 8.61 5.79 11.62
CA PRO B 175 7.70 6.08 10.51
C PRO B 175 7.51 4.87 9.57
N TYR B 176 8.36 3.85 9.70
CA TYR B 176 8.34 2.63 8.87
C TYR B 176 7.72 1.46 9.63
N ARG B 177 7.09 1.74 10.77
CA ARG B 177 6.40 0.69 11.54
C ARG B 177 5.43 -0.07 10.63
N ALA B 178 5.28 -1.35 10.92
CA ALA B 178 4.43 -2.28 10.14
C ALA B 178 2.97 -1.84 10.17
N ASP B 179 2.26 -2.23 9.12
CA ASP B 179 0.79 -2.17 9.09
C ASP B 179 0.20 -3.42 9.75
N TYR B 180 0.81 -4.59 9.59
CA TYR B 180 0.33 -5.82 10.29
C TYR B 180 1.50 -6.49 10.98
N VAL B 181 1.20 -7.10 12.12
CA VAL B 181 2.09 -8.07 12.79
C VAL B 181 1.43 -9.43 12.62
N GLY B 182 2.14 -10.36 12.01
CA GLY B 182 1.66 -11.73 11.80
C GLY B 182 2.27 -12.70 12.81
N LEU B 183 1.46 -13.62 13.31
CA LEU B 183 1.85 -14.64 14.30
C LEU B 183 1.31 -15.98 13.85
N PHE B 184 2.20 -16.95 13.66
CA PHE B 184 1.82 -18.34 13.31
C PHE B 184 2.19 -19.20 14.50
N SER B 185 1.19 -19.73 15.19
CA SER B 185 1.43 -20.56 16.38
C SER B 185 1.85 -21.97 15.96
N LEU B 186 3.02 -22.42 16.42
CA LEU B 186 3.47 -23.82 16.20
C LEU B 186 3.08 -24.69 17.39
N ARG B 187 3.18 -24.15 18.59
CA ARG B 187 2.71 -24.89 19.77
C ARG B 187 2.43 -23.90 20.89
N ASN B 188 1.43 -24.24 21.68
CA ASN B 188 0.92 -23.34 22.72
C ASN B 188 0.14 -24.22 23.69
N PRO B 189 0.82 -25.17 24.37
CA PRO B 189 0.08 -26.19 25.13
C PRO B 189 -0.78 -25.56 26.24
N ASP B 190 -0.35 -24.43 26.81
CA ASP B 190 -1.03 -23.81 27.96
C ASP B 190 -1.90 -22.63 27.51
N SER B 191 -2.16 -22.50 26.21
CA SER B 191 -3.15 -21.52 25.69
C SER B 191 -2.79 -20.11 26.18
N VAL B 192 -1.53 -19.72 26.00
CA VAL B 192 -1.03 -18.37 26.36
C VAL B 192 -1.48 -17.38 25.30
N ALA B 193 -1.94 -16.22 25.75
CA ALA B 193 -2.59 -15.21 24.88
C ALA B 193 -1.61 -14.11 24.48
N THR B 194 -1.85 -13.53 23.32
CA THR B 194 -1.46 -12.16 22.96
C THR B 194 -2.54 -11.23 23.51
N THR B 195 -2.14 -10.15 24.17
CA THR B 195 -3.07 -9.09 24.59
C THR B 195 -3.21 -8.08 23.47
N VAL B 196 -4.38 -7.49 23.36
CA VAL B 196 -4.76 -6.57 22.25
C VAL B 196 -5.67 -5.49 22.82
N ALA B 197 -5.48 -4.24 22.40
CA ALA B 197 -6.46 -3.17 22.68
C ALA B 197 -6.47 -2.18 21.52
N GLY B 198 -7.66 -1.70 21.23
CA GLY B 198 -7.89 -0.52 20.38
C GLY B 198 -8.49 0.62 21.17
N LEU B 199 -8.57 1.78 20.56
CA LEU B 199 -9.23 2.96 21.15
C LEU B 199 -10.70 2.97 20.71
N ASP B 200 -11.61 3.02 21.67
CA ASP B 200 -13.03 3.37 21.43
C ASP B 200 -13.18 4.85 21.79
N PRO B 201 -13.18 5.77 20.80
CA PRO B 201 -13.27 7.21 21.06
C PRO B 201 -14.54 7.66 21.80
N ASP B 202 -15.58 6.80 21.86
CA ASP B 202 -16.84 7.05 22.60
C ASP B 202 -16.68 6.71 24.09
N LEU B 203 -15.53 6.18 24.52
CA LEU B 203 -15.26 5.92 25.96
C LEU B 203 -14.29 6.99 26.51
N VAL B 204 -13.87 7.95 25.68
CA VAL B 204 -12.78 8.92 26.03
C VAL B 204 -13.30 10.34 25.82
N GLY B 205 -12.96 11.27 26.73
CA GLY B 205 -13.29 12.69 26.61
C GLY B 205 -12.82 13.24 25.26
N PRO B 206 -13.70 13.82 24.42
CA PRO B 206 -13.28 14.48 23.17
C PRO B 206 -12.09 15.43 23.29
N ALA B 207 -11.91 16.12 24.43
CA ALA B 207 -10.76 17.03 24.66
C ALA B 207 -9.46 16.23 24.66
N VAL B 208 -9.44 15.08 25.33
CA VAL B 208 -8.25 14.18 25.40
C VAL B 208 -7.99 13.70 23.97
N VAL B 209 -9.04 13.34 23.24
CA VAL B 209 -8.87 12.82 21.84
C VAL B 209 -8.23 13.94 21.00
N ASP B 210 -8.72 15.18 21.11
CA ASP B 210 -8.13 16.35 20.40
C ASP B 210 -6.65 16.49 20.73
N VAL B 211 -6.25 16.37 22.00
CA VAL B 211 -4.83 16.49 22.41
C VAL B 211 -4.02 15.37 21.74
N LEU B 212 -4.55 14.14 21.75
CA LEU B 212 -3.82 12.97 21.21
C LEU B 212 -3.55 13.11 19.69
N PHE B 213 -4.36 13.88 18.97
CA PHE B 213 -4.16 14.18 17.52
C PHE B 213 -3.06 15.23 17.34
N GLY B 214 -2.77 16.04 18.37
CA GLY B 214 -1.68 17.03 18.34
C GLY B 214 -0.30 16.37 18.33
N GLU B 215 0.68 17.00 17.68
CA GLU B 215 2.09 16.54 17.68
C GLU B 215 2.76 17.02 18.97
N ARG B 216 2.50 16.32 20.07
CA ARG B 216 2.82 16.78 21.45
C ARG B 216 3.44 15.66 22.27
N PHE B 217 3.95 14.61 21.62
CA PHE B 217 4.44 13.39 22.29
C PHE B 217 5.80 13.01 21.72
N HIS B 218 6.58 12.31 22.54
CA HIS B 218 7.85 11.66 22.16
C HIS B 218 7.63 10.17 22.31
N ILE B 219 7.70 9.45 21.18
CA ILE B 219 7.80 7.97 21.21
C ILE B 219 9.24 7.65 20.90
N ARG B 220 9.98 7.24 21.93
CA ARG B 220 11.40 6.83 21.84
C ARG B 220 11.41 5.36 21.46
N PRO B 221 12.43 4.88 20.72
CA PRO B 221 12.61 3.44 20.50
C PRO B 221 12.98 2.70 21.79
N ASP B 222 12.71 1.40 21.85
CA ASP B 222 13.29 0.49 22.87
C ASP B 222 14.81 0.41 22.62
N ASN B 223 15.57 -0.03 23.63
CA ASN B 223 17.05 -0.24 23.56
C ASN B 223 17.40 -1.25 22.45
N SER B 224 16.45 -2.12 22.06
CA SER B 224 16.54 -3.05 20.92
C SER B 224 17.12 -2.34 19.70
N HIS B 225 16.48 -1.23 19.28
CA HIS B 225 16.79 -0.43 18.07
C HIS B 225 18.13 0.32 18.25
N SER B 236 26.49 6.04 10.06
CA SER B 236 25.22 5.52 9.49
C SER B 236 24.12 6.59 9.61
N ASP B 237 23.49 6.95 8.48
CA ASP B 237 22.41 7.98 8.40
C ASP B 237 21.17 7.49 9.17
N TYR B 238 20.77 6.23 8.98
CA TYR B 238 19.60 5.62 9.67
C TYR B 238 19.83 5.63 11.18
N PHE B 239 20.96 5.08 11.64
CA PHE B 239 21.31 4.89 13.08
C PHE B 239 21.67 6.23 13.73
N ALA B 240 22.01 7.25 12.92
CA ALA B 240 22.07 8.67 13.34
C ALA B 240 20.66 9.13 13.72
N GLY B 241 19.65 8.75 12.90
CA GLY B 241 18.22 8.99 13.14
C GLY B 241 17.73 8.33 14.42
N ILE B 242 18.29 7.17 14.81
CA ILE B 242 17.91 6.38 16.01
C ILE B 242 18.40 7.11 17.27
N VAL B 243 19.65 7.58 17.27
CA VAL B 243 20.25 8.39 18.37
C VAL B 243 19.43 9.67 18.54
N GLU B 244 19.15 10.38 17.43
CA GLU B 244 18.30 11.60 17.39
C GLU B 244 16.92 11.30 17.97
N ALA B 245 16.33 10.14 17.65
CA ALA B 245 14.97 9.72 18.07
C ALA B 245 14.91 9.59 19.60
N VAL B 246 16.04 9.23 20.23
CA VAL B 246 16.17 9.06 21.71
C VAL B 246 16.51 10.41 22.35
N GLU B 247 17.47 11.16 21.80
CA GLU B 247 18.05 12.39 22.42
C GLU B 247 17.22 13.62 22.05
N ASN B 248 16.84 13.77 20.77
CA ASN B 248 16.06 14.93 20.26
C ASN B 248 14.78 14.42 19.58
N PRO B 249 13.94 13.61 20.26
CA PRO B 249 12.78 12.99 19.63
C PRO B 249 11.92 14.06 18.97
N ARG B 250 11.44 13.81 17.75
CA ARG B 250 10.48 14.73 17.08
C ARG B 250 9.17 14.69 17.87
N ALA B 251 8.46 15.82 17.88
CA ALA B 251 7.07 15.91 18.37
C ALA B 251 6.19 15.12 17.40
N VAL B 252 5.58 14.02 17.87
CA VAL B 252 4.66 13.19 17.03
C VAL B 252 3.29 13.14 17.70
N SER B 253 2.25 12.88 16.91
CA SER B 253 0.88 12.58 17.38
C SER B 253 0.80 11.11 17.83
N ILE B 254 -0.23 10.81 18.61
CA ILE B 254 -0.59 9.42 18.97
C ILE B 254 -1.74 8.96 18.05
N LEU B 255 -2.70 9.84 17.75
CA LEU B 255 -3.81 9.56 16.81
C LEU B 255 -3.58 10.30 15.50
N ARG B 256 -3.98 9.69 14.38
CA ARG B 256 -3.89 10.37 13.06
C ARG B 256 -4.97 9.84 12.13
N GLY B 257 -5.31 10.65 11.13
CA GLY B 257 -6.24 10.25 10.07
C GLY B 257 -7.66 10.73 10.33
N HIS B 258 -8.64 10.05 9.74
CA HIS B 258 -10.07 10.42 9.79
C HIS B 258 -10.57 10.24 11.23
N ARG B 259 -11.35 11.20 11.74
CA ARG B 259 -11.94 11.11 13.10
C ARG B 259 -12.82 9.87 13.25
N ASP B 260 -13.45 9.40 12.19
CA ASP B 260 -14.32 8.20 12.19
C ASP B 260 -13.49 6.91 12.24
N ALA B 261 -12.20 6.96 11.88
CA ALA B 261 -11.36 5.73 11.84
C ALA B 261 -9.90 6.09 12.11
N PRO B 262 -9.57 6.68 13.28
CA PRO B 262 -8.23 7.14 13.55
C PRO B 262 -7.25 5.97 13.74
N GLN B 263 -6.03 6.18 13.29
CA GLN B 263 -4.93 5.22 13.59
C GLN B 263 -4.35 5.58 14.95
N LEU B 264 -3.77 4.57 15.58
CA LEU B 264 -3.20 4.63 16.94
C LEU B 264 -1.72 4.29 16.87
N CYS B 265 -0.88 5.06 17.56
CA CYS B 265 0.56 4.79 17.67
C CYS B 265 1.02 5.21 19.06
N VAL B 266 1.27 4.23 19.91
CA VAL B 266 1.65 4.48 21.33
C VAL B 266 2.42 3.28 21.88
N ASP B 267 3.33 3.54 22.83
CA ASP B 267 4.09 2.48 23.51
C ASP B 267 3.97 2.74 25.02
N SER B 268 3.37 1.81 25.76
CA SER B 268 3.02 2.00 27.19
C SER B 268 4.29 2.27 28.01
N ASP B 269 5.46 1.83 27.54
CA ASP B 269 6.74 1.93 28.30
C ASP B 269 7.63 3.05 27.76
N PHE B 270 7.34 3.64 26.60
CA PHE B 270 8.32 4.52 25.88
C PHE B 270 7.71 5.78 25.30
N THR B 271 6.54 6.22 25.79
CA THR B 271 5.84 7.45 25.32
C THR B 271 5.75 8.46 26.47
N THR B 272 6.10 9.71 26.17
CA THR B 272 6.01 10.86 27.10
C THR B 272 5.43 12.06 26.35
N ALA B 273 4.94 13.07 27.06
CA ALA B 273 4.48 14.34 26.48
C ALA B 273 5.71 15.19 26.14
N VAL B 274 5.52 16.19 25.28
CA VAL B 274 6.52 17.26 24.95
C VAL B 274 6.86 17.97 26.27
N ASP B 275 8.15 18.26 26.49
CA ASP B 275 8.66 18.98 27.68
C ASP B 275 7.70 20.11 28.03
N GLY B 276 7.22 20.14 29.27
CA GLY B 276 6.40 21.23 29.82
C GLY B 276 4.95 21.18 29.37
N ASP B 277 4.57 20.23 28.51
CA ASP B 277 3.17 20.05 28.05
C ASP B 277 2.46 19.13 29.05
N ALA B 278 2.02 19.69 30.18
CA ALA B 278 1.32 18.97 31.26
C ALA B 278 -0.02 18.43 30.72
N GLU B 279 -0.68 19.19 29.85
CA GLU B 279 -1.99 18.81 29.24
C GLU B 279 -1.81 17.55 28.40
N ALA B 280 -0.74 17.45 27.61
CA ALA B 280 -0.40 16.26 26.80
C ALA B 280 -0.08 15.09 27.73
N ALA B 281 0.72 15.32 28.79
CA ALA B 281 1.08 14.28 29.78
C ALA B 281 -0.20 13.67 30.35
N GLY B 282 -1.21 14.51 30.61
CA GLY B 282 -2.53 14.11 31.13
C GLY B 282 -3.29 13.25 30.13
N ALA B 283 -3.30 13.67 28.86
CA ALA B 283 -4.07 12.97 27.80
C ALA B 283 -3.42 11.61 27.56
N LEU B 284 -2.08 11.56 27.58
CA LEU B 284 -1.31 10.31 27.42
C LEU B 284 -1.72 9.38 28.55
N ASP B 285 -1.72 9.86 29.79
CA ASP B 285 -1.99 8.93 30.91
C ASP B 285 -3.45 8.50 30.87
N THR B 286 -4.36 9.37 30.45
CA THR B 286 -5.78 8.99 30.26
C THR B 286 -5.88 7.83 29.24
N LEU B 287 -5.20 7.98 28.11
CA LEU B 287 -5.16 6.92 27.08
C LEU B 287 -4.55 5.63 27.62
N ILE B 288 -3.44 5.70 28.36
CA ILE B 288 -2.76 4.50 28.92
C ILE B 288 -3.75 3.76 29.83
N LYS B 289 -4.45 4.49 30.69
CA LYS B 289 -5.43 3.86 31.60
C LYS B 289 -6.56 3.25 30.78
N HIS B 290 -7.06 3.93 29.73
CA HIS B 290 -8.14 3.42 28.84
C HIS B 290 -7.70 2.13 28.16
N LEU B 291 -6.54 2.14 27.49
CA LEU B 291 -6.14 0.93 26.72
C LEU B 291 -5.86 -0.21 27.69
N GLY B 292 -5.22 0.08 28.83
CA GLY B 292 -4.96 -0.93 29.87
C GLY B 292 -6.25 -1.61 30.31
N GLY B 293 -7.34 -0.85 30.48
CA GLY B 293 -8.65 -1.40 30.91
C GLY B 293 -9.39 -2.11 29.79
N ALA B 294 -9.01 -1.87 28.54
CA ALA B 294 -9.72 -2.36 27.32
C ALA B 294 -9.01 -3.59 26.75
N LEU B 295 -7.84 -3.96 27.26
CA LEU B 295 -7.07 -5.12 26.76
C LEU B 295 -7.96 -6.36 26.80
N TYR B 296 -7.95 -7.11 25.72
CA TYR B 296 -8.54 -8.46 25.65
C TYR B 296 -7.46 -9.38 25.09
N GLU B 297 -7.78 -10.65 24.89
CA GLU B 297 -6.76 -11.64 24.56
C GLU B 297 -7.16 -12.41 23.31
N VAL B 298 -6.15 -12.85 22.60
CA VAL B 298 -6.28 -13.76 21.44
C VAL B 298 -5.29 -14.89 21.69
N VAL B 299 -5.83 -16.09 21.77
CA VAL B 299 -5.01 -17.32 21.95
C VAL B 299 -4.95 -18.04 20.61
N LEU B 300 -3.74 -18.35 20.16
CA LEU B 300 -3.49 -19.09 18.92
C LEU B 300 -3.04 -20.48 19.29
N GLY B 301 -3.87 -21.46 18.99
CA GLY B 301 -3.50 -22.88 19.10
C GLY B 301 -2.57 -23.26 17.96
N PRO B 302 -1.97 -24.45 17.98
CA PRO B 302 -1.10 -24.87 16.89
C PRO B 302 -1.80 -24.81 15.53
N GLY B 303 -1.21 -24.08 14.58
CA GLY B 303 -1.75 -23.91 13.23
C GLY B 303 -2.69 -22.73 13.10
N ASP B 304 -2.91 -21.95 14.16
CA ASP B 304 -3.66 -20.70 14.12
C ASP B 304 -2.71 -19.56 13.80
N VAL B 305 -3.12 -18.69 12.89
CA VAL B 305 -2.31 -17.53 12.43
C VAL B 305 -3.13 -16.28 12.73
N ALA B 306 -2.52 -15.26 13.30
CA ALA B 306 -3.20 -13.95 13.47
C ALA B 306 -2.43 -12.89 12.71
N PHE B 307 -3.15 -11.90 12.18
CA PHE B 307 -2.57 -10.64 11.73
C PHE B 307 -3.22 -9.51 12.50
N LEU B 308 -2.45 -8.84 13.34
CA LEU B 308 -2.91 -7.66 14.09
C LEU B 308 -2.76 -6.45 13.19
N ASP B 309 -3.79 -5.63 13.12
CA ASP B 309 -3.71 -4.38 12.38
C ASP B 309 -3.01 -3.38 13.29
N ASN B 310 -1.72 -3.18 13.05
CA ASN B 310 -0.84 -2.36 13.90
C ASN B 310 -1.19 -0.88 13.78
N ARG B 311 -2.01 -0.49 12.81
CA ARG B 311 -2.52 0.89 12.70
C ARG B 311 -3.62 1.11 13.73
N ASN B 312 -4.25 0.04 14.22
CA ASN B 312 -5.48 0.13 15.05
C ASN B 312 -5.25 -0.35 16.47
N VAL B 313 -4.36 -1.31 16.69
CA VAL B 313 -4.24 -1.93 18.05
C VAL B 313 -2.82 -1.89 18.56
N VAL B 314 -2.71 -1.86 19.87
CA VAL B 314 -1.49 -2.18 20.64
C VAL B 314 -1.59 -3.66 20.99
N HIS B 315 -0.46 -4.31 21.26
CA HIS B 315 -0.50 -5.71 21.70
C HIS B 315 0.63 -5.97 22.70
N GLY B 316 0.46 -7.01 23.50
CA GLY B 316 1.47 -7.48 24.44
C GLY B 316 1.25 -8.94 24.77
N ARG B 317 1.71 -9.36 25.95
CA ARG B 317 1.57 -10.79 26.35
C ARG B 317 1.56 -10.85 27.88
N ARG B 318 0.71 -11.73 28.40
CA ARG B 318 0.49 -12.02 29.84
C ARG B 318 1.72 -12.74 30.39
N PRO B 319 2.03 -12.67 31.70
CA PRO B 319 2.91 -13.66 32.31
C PRO B 319 2.42 -15.08 32.00
N PHE B 320 3.37 -15.99 31.80
CA PHE B 320 3.10 -17.44 31.67
C PHE B 320 4.28 -18.21 32.25
N ARG B 321 4.08 -19.51 32.43
CA ARG B 321 4.99 -20.42 33.16
C ARG B 321 5.77 -21.21 32.11
N ALA B 322 6.94 -20.70 31.73
CA ALA B 322 7.88 -21.36 30.81
C ALA B 322 8.67 -22.42 31.57
N ARG B 323 8.93 -23.55 30.92
CA ARG B 323 9.56 -24.78 31.48
C ARG B 323 10.98 -24.98 30.93
N PHE B 324 11.28 -24.40 29.76
CA PHE B 324 12.62 -24.45 29.13
C PHE B 324 13.03 -25.92 28.94
N ASP B 325 12.07 -26.76 28.53
CA ASP B 325 12.23 -28.24 28.38
C ASP B 325 11.92 -28.68 26.93
N GLY B 326 11.85 -27.73 25.99
CA GLY B 326 11.49 -28.01 24.58
C GLY B 326 9.99 -28.14 24.34
N THR B 327 9.15 -27.89 25.35
CA THR B 327 7.67 -28.03 25.19
C THR B 327 7.01 -26.66 25.16
N ASP B 328 7.77 -25.57 25.25
CA ASP B 328 7.18 -24.22 25.45
C ASP B 328 6.51 -23.69 24.19
N ARG B 329 5.63 -22.73 24.41
CA ARG B 329 5.00 -21.89 23.37
C ARG B 329 6.04 -21.42 22.34
N TRP B 330 5.70 -21.50 21.06
CA TRP B 330 6.59 -21.12 19.94
C TRP B 330 5.74 -20.57 18.82
N LEU B 331 5.98 -19.32 18.44
CA LEU B 331 5.34 -18.69 17.27
C LEU B 331 6.42 -18.30 16.26
N LYS B 332 6.08 -18.41 14.99
CA LYS B 332 6.76 -17.65 13.92
C LYS B 332 6.08 -16.29 13.82
N ARG B 333 6.83 -15.25 13.52
CA ARG B 333 6.32 -13.87 13.54
C ARG B 333 6.84 -13.12 12.33
N ILE B 334 6.03 -12.18 11.84
CA ILE B 334 6.42 -11.40 10.65
C ILE B 334 5.82 -9.99 10.75
N ASN B 335 6.45 -9.03 10.10
CA ASN B 335 5.88 -7.67 9.93
C ASN B 335 5.48 -7.51 8.47
N VAL B 336 4.38 -6.82 8.24
CA VAL B 336 3.86 -6.58 6.88
C VAL B 336 3.63 -5.08 6.69
N THR B 337 4.04 -4.56 5.54
CA THR B 337 3.75 -3.16 5.16
C THR B 337 2.83 -3.15 3.94
N ALA B 338 1.88 -2.24 3.94
CA ALA B 338 1.01 -2.01 2.78
C ALA B 338 1.82 -1.33 1.67
N ASP B 339 2.94 -0.68 1.99
CA ASP B 339 3.65 0.22 1.04
C ASP B 339 5.16 0.04 1.24
N LEU B 340 5.72 -0.98 0.60
CA LEU B 340 7.16 -1.27 0.74
C LEU B 340 7.96 -0.07 0.21
N ARG B 341 7.52 0.56 -0.88
CA ARG B 341 8.31 1.62 -1.54
C ARG B 341 8.62 2.76 -0.56
N LYS B 342 7.70 3.07 0.37
CA LYS B 342 7.82 4.28 1.22
C LYS B 342 9.06 4.19 2.12
N SER B 343 9.60 2.99 2.34
CA SER B 343 10.74 2.78 3.28
C SER B 343 12.06 2.63 2.52
N ARG B 344 12.09 2.91 1.23
CA ARG B 344 13.29 2.65 0.40
C ARG B 344 14.53 3.34 0.97
N ALA B 345 14.37 4.52 1.59
CA ALA B 345 15.49 5.31 2.20
C ALA B 345 16.13 4.51 3.34
N ALA B 346 15.42 3.55 3.92
CA ALA B 346 15.86 2.77 5.10
C ALA B 346 16.18 1.31 4.72
N ARG B 347 16.24 0.97 3.43
CA ARG B 347 16.52 -0.39 2.95
C ARG B 347 17.75 -0.37 2.04
N ARG B 348 18.42 -1.53 1.97
CA ARG B 348 19.78 -1.67 1.36
C ARG B 348 19.66 -1.48 -0.15
N ASP B 349 18.59 -1.98 -0.74
CA ASP B 349 18.35 -1.93 -2.20
C ASP B 349 16.86 -2.16 -2.40
N ALA B 350 16.41 -2.12 -3.65
CA ALA B 350 14.96 -2.15 -3.98
C ALA B 350 14.29 -3.37 -3.32
N GLN B 351 14.88 -4.56 -3.45
CA GLN B 351 14.22 -5.84 -3.05
C GLN B 351 14.51 -6.17 -1.59
N ALA B 352 15.52 -5.58 -0.98
CA ALA B 352 15.90 -5.89 0.42
C ALA B 352 14.74 -5.50 1.33
N ARG B 353 14.48 -6.31 2.33
CA ARG B 353 13.28 -6.17 3.20
C ARG B 353 13.66 -5.75 4.63
N VAL B 354 14.92 -5.41 4.91
CA VAL B 354 15.41 -5.22 6.30
C VAL B 354 15.55 -3.72 6.58
N LEU B 355 14.66 -3.18 7.41
CA LEU B 355 14.64 -1.74 7.72
C LEU B 355 15.85 -1.39 8.60
N GLY B 356 16.62 -0.38 8.18
CA GLY B 356 17.79 0.11 8.91
C GLY B 356 19.07 -0.58 8.47
N GLU B 357 18.98 -1.48 7.48
CA GLU B 357 20.15 -2.17 6.87
C GLU B 357 20.95 -1.14 6.05
N ALA B 358 20.26 -0.16 5.45
CA ALA B 358 20.84 1.05 4.82
C ALA B 358 19.75 1.85 4.11
#